data_3D50
#
_entry.id   3D50
#
_cell.length_a   68.842
_cell.length_b   109.964
_cell.length_c   138.058
_cell.angle_alpha   90.000
_cell.angle_beta   90.000
_cell.angle_gamma   90.000
#
_symmetry.space_group_name_H-M   'P 21 21 21'
#
loop_
_entity.id
_entity.type
_entity.pdbx_description
1 polymer 'Alpha-mannosidase 2'
2 non-polymer 2-acetamido-2-deoxy-beta-D-glucopyranose
3 non-polymer 'ZINC ION'
4 non-polymer (1S,2S,3R,6R)-4-(hydroxymethyl)-6-(octylamino)cyclohex-4-ene-1,2,3-triol
5 non-polymer (4S)-2-METHYL-2,4-PENTANEDIOL
6 water water
#
_entity_poly.entity_id   1
_entity_poly.type   'polypeptide(L)'
_entity_poly.pdbx_seq_one_letter_code
;RSSHHHHHHGEFDDPIRPPLKVARSPRPGQCQDVVQDVPNVDVQMLELYDRMSFKDIDGGVWKQGWNIKYDPLKYNAHHK
LKVFVVPHSHNDPGWIQTFEEYYQHDTKHILSNALRHLHDNPEMKFIWAEISYFARFYHDLGENKKLQMKSIVKNGQLEF
VTGGWVMPDEANSHWRNVLLQLTEGQTWLKQFMNVTPTASWAIDPFGHSPTMPYILQKSGFKNMLIQRTHYSVKKELAQQ
RQLEFLWRQIWDNKGDTALFTHMMPFYSYDIPHTCGPDPKVCCQFDFKRMGSFGLSCPWKVPPRTISDQNVAARSDLLVD
QWKKKAELYRTNVLLIPLGDDFRFKQNTEWDVQRVNYERLFEHINSQAHFNVQAQFGTLQEYFDAVHQAERAGQAEFPTL
SGDFFTYADRSDNYWSGYYTSRPYHKRMDRVLMHYVRAAEMLSAWHSWDGMARIEERLEQARRELSLFQHHDGITGTAKT
HVVVDYEQRMQEALKACQMVMQQSVYRLLTKPSIYSPDFSFSYFTLDDSRWPGSGVEDSRTTIILGEDILPSKHVVMHNT
LPHWREQLVDFYVSSPFVSVTDLANNPVEAQVSPVWSWHHDTLTKTIHPQGSTTKYRIIFKARVPPMGLATYVLTISDSK
PEHTSYASNLLLRKNPTSLPLGQYPEDVKFGDPREISLRVGNGPTLAFSEQGLLKSIQLTQDSPHVPVHFKFLKYGVRSH
GDRSGAYLFLPNGPASPVELGQPVVLVTKGKLESSVSVGLPSVVHQTIMRGGAPEIRNLVDIGSLDNTEIVMRLETHIDS
GDIFYTDLNGLQFIKRRRLDKLPLQANYYPIPSGMFIEDANTRLTLLTGQPLGGSSLASGELEIMQDRRLASDDERGLGQ
GVLDNKPVLHIYRLVLEKVNNCVRPSKLHPAGYLTSAAHKASQSLLDPLDKFIFAENEWIGAQGQFGGDHPSAREDLDVS
VMRRLTKSSAKTQRVGYVLHRTNLMQCGTPEEHTQKLDVCHLLPNVARCERTTLTFLQNLEHLDGMVAPEVCPMETAAYV
SSHSS
;
_entity_poly.pdbx_strand_id   A
#
loop_
_chem_comp.id
_chem_comp.type
_chem_comp.name
_chem_comp.formula
MPD non-polymer (4S)-2-METHYL-2,4-PENTANEDIOL 'C6 H14 O2'
NAG D-saccharide, beta linking 2-acetamido-2-deoxy-beta-D-glucopyranose 'C8 H15 N O6'
OEV non-polymer (1S,2S,3R,6R)-4-(hydroxymethyl)-6-(octylamino)cyclohex-4-ene-1,2,3-triol 'C15 H29 N O4'
ZN non-polymer 'ZINC ION' 'Zn 2'
#
# COMPACT_ATOMS: atom_id res chain seq x y z
N GLN A 30 -8.70 10.79 -28.44
CA GLN A 30 -9.78 10.27 -27.55
C GLN A 30 -9.30 10.34 -26.08
N CYS A 31 -8.08 9.88 -25.81
CA CYS A 31 -7.47 9.97 -24.46
C CYS A 31 -7.14 11.41 -24.11
N GLN A 32 -7.44 11.84 -22.87
CA GLN A 32 -6.91 13.10 -22.33
C GLN A 32 -5.38 13.03 -22.29
N ASP A 33 -4.75 14.16 -22.55
CA ASP A 33 -3.32 14.29 -22.38
C ASP A 33 -3.01 14.54 -20.89
N VAL A 34 -2.18 13.71 -20.24
CA VAL A 34 -2.01 13.83 -18.79
C VAL A 34 -0.72 14.59 -18.46
N VAL A 35 -0.08 15.17 -19.50
CA VAL A 35 1.22 15.79 -19.23
C VAL A 35 1.19 17.30 -19.54
N GLN A 36 0.54 17.70 -20.64
CA GLN A 36 0.68 19.08 -21.19
C GLN A 36 -0.36 20.11 -20.78
N ASP A 37 -1.48 19.69 -20.22
CA ASP A 37 -2.52 20.64 -19.84
C ASP A 37 -2.60 20.66 -18.32
N VAL A 38 -2.19 21.76 -17.70
CA VAL A 38 -2.40 21.96 -16.25
C VAL A 38 -3.87 22.16 -15.90
N PRO A 39 -4.46 21.23 -15.09
CA PRO A 39 -5.86 21.41 -14.75
C PRO A 39 -6.13 22.73 -14.01
N ASN A 40 -7.29 23.32 -14.33
CA ASN A 40 -7.70 24.47 -13.60
C ASN A 40 -8.66 24.01 -12.52
N VAL A 41 -8.26 24.18 -11.26
CA VAL A 41 -9.11 23.79 -10.13
C VAL A 41 -9.19 24.93 -9.15
N ASP A 42 -10.20 24.93 -8.30
CA ASP A 42 -10.32 25.97 -7.32
C ASP A 42 -9.25 25.87 -6.21
N VAL A 43 -8.89 24.63 -5.82
CA VAL A 43 -7.94 24.42 -4.71
C VAL A 43 -6.94 23.37 -5.24
N GLN A 44 -5.68 23.73 -5.32
CA GLN A 44 -4.68 22.73 -5.73
C GLN A 44 -3.75 22.61 -4.54
N MET A 45 -3.61 21.40 -3.96
CA MET A 45 -3.03 21.33 -2.66
C MET A 45 -1.54 21.78 -2.59
N LEU A 46 -0.76 21.56 -3.66
CA LEU A 46 0.66 22.00 -3.64
C LEU A 46 0.68 23.56 -3.63
N GLU A 47 -0.24 24.14 -4.44
CA GLU A 47 -0.36 25.62 -4.52
CA GLU A 47 -0.31 25.59 -4.52
C GLU A 47 -0.79 26.18 -3.21
N LEU A 48 -1.76 25.52 -2.56
CA LEU A 48 -2.27 25.96 -1.31
C LEU A 48 -1.19 25.88 -0.26
N TYR A 49 -0.41 24.81 -0.27
CA TYR A 49 0.67 24.66 0.69
C TYR A 49 1.71 25.79 0.61
N ASP A 50 2.02 26.20 -0.61
CA ASP A 50 3.00 27.27 -0.91
C ASP A 50 2.56 28.62 -0.26
N ARG A 51 1.26 28.89 -0.27
CA ARG A 51 0.68 30.15 0.23
C ARG A 51 0.32 30.16 1.73
N MET A 52 -0.11 29.02 2.26
CA MET A 52 -0.58 28.95 3.64
C MET A 52 0.47 29.27 4.67
N SER A 53 0.03 29.71 5.85
CA SER A 53 0.97 30.05 6.93
C SER A 53 1.37 28.94 7.93
N PHE A 54 0.45 28.04 8.24
CA PHE A 54 0.69 26.98 9.22
C PHE A 54 0.92 27.42 10.68
N LYS A 55 0.70 28.69 11.03
CA LYS A 55 0.92 29.09 12.43
C LYS A 55 -0.10 28.41 13.33
N ASP A 56 0.34 27.97 14.48
CA ASP A 56 -0.47 27.21 15.36
C ASP A 56 -1.01 28.09 16.51
N ILE A 57 -2.08 28.81 16.28
CA ILE A 57 -2.56 29.74 17.27
C ILE A 57 -3.78 29.22 17.96
N ASP A 58 -3.98 29.63 19.20
CA ASP A 58 -5.12 29.24 19.98
C ASP A 58 -6.38 29.92 19.44
N GLY A 59 -7.32 29.15 18.90
CA GLY A 59 -8.54 29.74 18.33
C GLY A 59 -9.69 29.87 19.33
N GLY A 60 -9.45 29.50 20.59
CA GLY A 60 -10.44 29.51 21.71
C GLY A 60 -10.96 28.11 21.93
N VAL A 61 -12.25 27.95 22.19
CA VAL A 61 -12.84 26.60 22.35
C VAL A 61 -12.59 25.67 21.14
N TRP A 62 -12.62 26.21 19.93
CA TRP A 62 -12.16 25.47 18.77
C TRP A 62 -10.66 25.75 18.70
N LYS A 63 -9.89 24.95 19.42
CA LYS A 63 -8.48 25.28 19.61
C LYS A 63 -7.74 25.59 18.31
N GLN A 64 -8.09 24.89 17.24
CA GLN A 64 -7.39 25.06 15.97
C GLN A 64 -8.18 25.83 14.91
N GLY A 65 -9.25 26.50 15.34
CA GLY A 65 -9.98 27.33 14.39
C GLY A 65 -10.13 28.76 14.88
N TRP A 66 -11.38 29.20 14.98
CA TRP A 66 -11.70 30.59 15.48
C TRP A 66 -13.08 30.51 16.13
N ASN A 67 -13.56 31.60 16.78
CA ASN A 67 -14.93 31.63 17.33
C ASN A 67 -16.02 31.81 16.27
N ILE A 68 -16.77 30.75 15.98
CA ILE A 68 -17.64 30.83 14.81
C ILE A 68 -18.86 31.67 15.11
N LYS A 69 -19.26 32.53 14.17
CA LYS A 69 -20.44 33.39 14.36
C LYS A 69 -21.44 33.10 13.28
N TYR A 70 -22.73 33.19 13.59
CA TYR A 70 -23.73 32.95 12.56
C TYR A 70 -24.85 34.01 12.66
N ASP A 71 -25.62 34.19 11.59
CA ASP A 71 -26.79 35.08 11.64
C ASP A 71 -28.04 34.25 12.00
N PRO A 72 -28.63 34.50 13.19
CA PRO A 72 -29.78 33.67 13.57
C PRO A 72 -30.94 33.75 12.55
N LEU A 73 -31.00 34.79 11.75
CA LEU A 73 -32.08 34.92 10.75
C LEU A 73 -31.79 34.15 9.47
N LYS A 74 -30.63 33.47 9.39
CA LYS A 74 -30.33 32.71 8.16
C LYS A 74 -31.35 31.60 7.96
N TYR A 75 -31.75 30.96 9.06
CA TYR A 75 -32.68 29.84 9.00
C TYR A 75 -34.06 30.42 9.38
N ASN A 76 -35.10 30.04 8.64
CA ASN A 76 -36.47 30.51 8.92
C ASN A 76 -37.51 29.47 8.47
N ALA A 77 -38.81 29.81 8.52
CA ALA A 77 -39.85 28.82 8.23
C ALA A 77 -39.73 28.26 6.81
N HIS A 78 -39.20 29.06 5.91
CA HIS A 78 -39.06 28.57 4.53
C HIS A 78 -37.69 27.98 4.20
N HIS A 79 -36.77 28.10 5.15
CA HIS A 79 -35.42 27.64 4.87
C HIS A 79 -34.88 27.12 6.20
N LYS A 80 -35.15 25.84 6.45
CA LYS A 80 -34.79 25.18 7.70
C LYS A 80 -33.42 24.50 7.59
N LEU A 81 -32.73 24.35 8.72
CA LEU A 81 -31.51 23.55 8.78
C LEU A 81 -31.93 22.08 9.01
N LYS A 82 -31.58 21.27 8.08
CA LYS A 82 -31.89 19.85 8.13
C LYS A 82 -30.66 19.05 8.65
N VAL A 83 -30.84 18.45 9.86
CA VAL A 83 -29.73 17.85 10.60
C VAL A 83 -29.87 16.33 10.62
N PHE A 84 -28.81 15.62 10.19
CA PHE A 84 -28.81 14.13 10.17
C PHE A 84 -27.77 13.66 11.19
N VAL A 85 -28.23 12.97 12.25
CA VAL A 85 -27.39 12.49 13.32
C VAL A 85 -27.12 11.03 12.98
N VAL A 86 -25.87 10.70 12.70
CA VAL A 86 -25.55 9.41 12.11
C VAL A 86 -24.76 8.54 13.06
N PRO A 87 -25.43 7.60 13.73
CA PRO A 87 -24.73 6.73 14.69
C PRO A 87 -23.71 5.75 14.01
N HIS A 88 -22.55 5.61 14.64
CA HIS A 88 -21.47 4.78 14.14
C HIS A 88 -20.57 4.20 15.25
N SER A 89 -19.73 3.24 14.88
CA SER A 89 -18.87 2.57 15.84
C SER A 89 -17.57 2.22 15.11
N HIS A 90 -16.48 2.83 15.54
CA HIS A 90 -15.21 2.60 14.84
C HIS A 90 -14.56 1.29 15.42
N ASN A 91 -14.49 0.27 14.57
CA ASN A 91 -13.92 -0.99 14.98
C ASN A 91 -12.60 -1.31 14.28
N ASP A 92 -11.47 -1.22 14.97
CA ASP A 92 -10.15 -1.51 14.34
C ASP A 92 -9.99 -3.03 14.22
N PRO A 93 -9.73 -3.55 13.03
CA PRO A 93 -9.44 -4.97 12.83
C PRO A 93 -8.02 -5.32 13.29
N GLY A 94 -7.82 -5.23 14.59
CA GLY A 94 -6.54 -5.35 15.27
C GLY A 94 -5.99 -3.98 15.54
N TRP A 95 -5.42 -3.85 16.74
CA TRP A 95 -4.70 -2.62 17.09
C TRP A 95 -4.04 -2.87 18.46
N ILE A 96 -4.75 -2.64 19.56
N ILE A 96 -4.81 -2.62 19.51
CA ILE A 96 -4.26 -3.00 20.91
CA ILE A 96 -4.44 -2.88 20.91
C ILE A 96 -4.67 -4.42 21.28
C ILE A 96 -4.77 -4.32 21.34
N GLN A 97 -5.64 -4.99 20.56
CA GLN A 97 -5.95 -6.40 20.67
C GLN A 97 -5.87 -6.99 19.27
N THR A 98 -5.82 -8.30 19.11
CA THR A 98 -5.93 -8.89 17.78
C THR A 98 -7.35 -8.78 17.21
N PHE A 99 -7.53 -9.01 15.90
CA PHE A 99 -8.89 -9.10 15.31
C PHE A 99 -9.83 -10.01 16.15
N GLU A 100 -9.38 -11.23 16.44
CA GLU A 100 -10.23 -12.17 17.13
C GLU A 100 -10.51 -11.75 18.56
N GLU A 101 -9.50 -11.17 19.24
CA GLU A 101 -9.71 -10.71 20.61
C GLU A 101 -10.76 -9.59 20.63
N TYR A 102 -10.64 -8.62 19.72
CA TYR A 102 -11.66 -7.55 19.61
C TYR A 102 -13.06 -8.11 19.27
N TYR A 103 -13.09 -9.08 18.36
CA TYR A 103 -14.31 -9.67 17.93
C TYR A 103 -15.01 -10.34 19.15
N GLN A 104 -14.24 -11.11 19.92
CA GLN A 104 -14.81 -11.81 21.10
C GLN A 104 -15.21 -10.83 22.21
N HIS A 105 -14.38 -9.84 22.47
CA HIS A 105 -14.58 -8.94 23.59
C HIS A 105 -15.57 -7.80 23.31
N ASP A 106 -15.64 -7.35 22.05
CA ASP A 106 -16.38 -6.13 21.69
C ASP A 106 -17.33 -6.26 20.50
N THR A 107 -16.76 -6.59 19.32
CA THR A 107 -17.51 -6.38 18.06
C THR A 107 -18.72 -7.34 17.97
N LYS A 108 -18.60 -8.59 18.46
CA LYS A 108 -19.77 -9.50 18.34
C LYS A 108 -20.94 -8.97 19.16
N HIS A 109 -20.61 -8.32 20.25
CA HIS A 109 -21.66 -7.76 21.13
C HIS A 109 -22.28 -6.50 20.45
N ILE A 110 -21.43 -5.63 19.88
CA ILE A 110 -21.96 -4.44 19.17
C ILE A 110 -22.90 -4.89 18.02
N LEU A 111 -22.45 -5.82 17.19
CA LEU A 111 -23.32 -6.24 16.10
C LEU A 111 -24.58 -6.97 16.57
N SER A 112 -24.45 -7.82 17.58
N SER A 112 -24.50 -7.86 17.51
CA SER A 112 -25.62 -8.51 18.11
CA SER A 112 -25.62 -8.62 18.06
C SER A 112 -26.62 -7.54 18.67
C SER A 112 -26.66 -7.65 18.65
N ASN A 113 -26.16 -6.61 19.49
CA ASN A 113 -27.05 -5.58 19.98
C ASN A 113 -27.52 -4.57 18.96
N ALA A 114 -26.77 -4.34 17.89
CA ALA A 114 -27.26 -3.49 16.82
C ALA A 114 -28.49 -4.12 16.17
N LEU A 115 -28.38 -5.41 15.86
CA LEU A 115 -29.48 -6.16 15.23
C LEU A 115 -30.74 -6.04 16.09
N ARG A 116 -30.58 -6.24 17.38
CA ARG A 116 -31.76 -6.21 18.26
C ARG A 116 -32.36 -4.78 18.37
N HIS A 117 -31.52 -3.79 18.63
N HIS A 117 -31.54 -3.79 18.67
CA HIS A 117 -32.02 -2.43 18.84
CA HIS A 117 -32.03 -2.41 18.87
C HIS A 117 -32.56 -1.73 17.59
C HIS A 117 -32.63 -1.84 17.59
N LEU A 118 -31.96 -1.99 16.45
CA LEU A 118 -32.51 -1.51 15.19
C LEU A 118 -33.83 -2.24 14.89
N HIS A 119 -33.87 -3.55 15.07
CA HIS A 119 -35.09 -4.26 14.77
C HIS A 119 -36.25 -3.63 15.60
N ASP A 120 -35.99 -3.43 16.90
CA ASP A 120 -37.02 -3.00 17.89
C ASP A 120 -37.36 -1.50 17.79
N ASN A 121 -36.50 -0.71 17.17
CA ASN A 121 -36.67 0.73 17.09
C ASN A 121 -36.55 1.29 15.66
N PRO A 122 -37.68 1.33 14.91
CA PRO A 122 -37.63 1.51 13.46
C PRO A 122 -36.99 2.81 12.96
N GLU A 123 -36.91 3.85 13.79
CA GLU A 123 -36.35 5.12 13.32
C GLU A 123 -34.88 5.25 13.66
N MET A 124 -34.35 4.32 14.45
CA MET A 124 -32.93 4.36 14.83
C MET A 124 -32.17 3.92 13.57
N LYS A 125 -30.96 4.44 13.36
CA LYS A 125 -30.09 4.17 12.20
C LYS A 125 -28.66 3.83 12.67
N PHE A 126 -27.84 3.20 11.82
CA PHE A 126 -26.44 2.87 12.23
C PHE A 126 -25.72 2.63 10.92
N ILE A 127 -24.46 3.12 10.84
CA ILE A 127 -23.60 2.82 9.70
C ILE A 127 -22.49 1.84 10.09
N TRP A 128 -22.10 1.01 9.12
CA TRP A 128 -21.09 0.00 9.43
C TRP A 128 -20.02 -0.03 8.32
N ALA A 129 -18.74 -0.01 8.66
CA ALA A 129 -17.68 0.09 7.65
C ALA A 129 -16.86 -1.20 7.35
N GLU A 130 -16.51 -1.92 8.40
CA GLU A 130 -15.50 -2.95 8.35
C GLU A 130 -16.11 -4.31 8.08
N ILE A 131 -16.05 -4.74 6.84
CA ILE A 131 -16.79 -5.95 6.47
C ILE A 131 -16.07 -7.23 7.00
N SER A 132 -14.77 -7.16 7.29
CA SER A 132 -14.08 -8.35 7.89
C SER A 132 -14.80 -8.77 9.18
N TYR A 133 -15.07 -7.79 10.04
CA TYR A 133 -15.84 -8.08 11.25
C TYR A 133 -17.30 -8.49 10.91
N PHE A 134 -17.92 -7.84 9.90
CA PHE A 134 -19.36 -8.14 9.67
C PHE A 134 -19.51 -9.60 9.17
N ALA A 135 -18.58 -10.02 8.30
CA ALA A 135 -18.58 -11.38 7.76
C ALA A 135 -18.29 -12.40 8.90
N ARG A 136 -17.37 -12.07 9.81
CA ARG A 136 -17.01 -12.93 10.97
C ARG A 136 -18.26 -13.15 11.80
N PHE A 137 -19.05 -12.10 11.99
CA PHE A 137 -20.27 -12.15 12.78
C PHE A 137 -21.36 -12.96 12.07
N TYR A 138 -21.60 -12.63 10.81
CA TYR A 138 -22.80 -13.09 10.10
C TYR A 138 -22.73 -14.58 9.89
N HIS A 139 -21.53 -15.15 9.86
CA HIS A 139 -21.55 -16.58 9.67
C HIS A 139 -21.68 -17.33 11.02
N ASP A 140 -21.56 -16.64 12.14
CA ASP A 140 -21.94 -17.25 13.38
C ASP A 140 -23.46 -17.18 13.66
N LEU A 141 -24.23 -16.50 12.81
CA LEU A 141 -25.67 -16.33 13.05
C LEU A 141 -26.51 -17.47 12.57
N GLY A 142 -27.48 -17.85 13.38
CA GLY A 142 -28.58 -18.72 12.89
C GLY A 142 -29.41 -18.05 11.78
N GLU A 143 -30.13 -18.86 11.01
CA GLU A 143 -30.88 -18.39 9.85
C GLU A 143 -31.92 -17.37 10.27
N ASN A 144 -32.49 -17.51 11.46
CA ASN A 144 -33.51 -16.54 11.83
C ASN A 144 -32.91 -15.10 11.97
N LYS A 145 -31.77 -15.00 12.66
CA LYS A 145 -31.07 -13.70 12.79
C LYS A 145 -30.48 -13.20 11.45
N LYS A 146 -29.99 -14.11 10.59
CA LYS A 146 -29.60 -13.67 9.22
C LYS A 146 -30.77 -12.96 8.52
N LEU A 147 -31.98 -13.55 8.58
CA LEU A 147 -33.15 -12.92 7.94
C LEU A 147 -33.51 -11.55 8.61
N GLN A 148 -33.35 -11.47 9.94
CA GLN A 148 -33.60 -10.21 10.63
C GLN A 148 -32.60 -9.13 10.19
N MET A 149 -31.36 -9.51 10.01
CA MET A 149 -30.28 -8.61 9.62
C MET A 149 -30.56 -8.13 8.20
N LYS A 150 -30.89 -9.03 7.28
CA LYS A 150 -31.17 -8.59 5.91
C LYS A 150 -32.31 -7.59 5.83
N SER A 151 -33.29 -7.75 6.70
CA SER A 151 -34.43 -6.83 6.64
C SER A 151 -34.11 -5.45 7.17
N ILE A 152 -33.26 -5.35 8.18
CA ILE A 152 -32.82 -4.01 8.57
C ILE A 152 -31.85 -3.34 7.60
N VAL A 153 -31.08 -4.12 6.82
CA VAL A 153 -30.32 -3.53 5.74
C VAL A 153 -31.27 -3.09 4.61
N LYS A 154 -32.13 -4.02 4.17
CA LYS A 154 -33.09 -3.74 3.15
C LYS A 154 -33.95 -2.50 3.36
N ASN A 155 -34.45 -2.29 4.59
CA ASN A 155 -35.22 -1.12 4.97
C ASN A 155 -34.42 0.16 5.28
N GLY A 156 -33.11 0.10 5.11
CA GLY A 156 -32.26 1.30 5.30
C GLY A 156 -31.87 1.68 6.72
N GLN A 157 -32.16 0.84 7.73
CA GLN A 157 -31.76 1.22 9.08
C GLN A 157 -30.26 0.99 9.34
N LEU A 158 -29.71 -0.07 8.83
CA LEU A 158 -28.27 -0.33 8.94
C LEU A 158 -27.71 -0.15 7.52
N GLU A 159 -26.78 0.69 7.41
CA GLU A 159 -26.29 1.00 6.07
C GLU A 159 -24.81 0.80 6.08
N PHE A 160 -24.32 0.11 5.06
CA PHE A 160 -22.86 -0.08 4.95
C PHE A 160 -22.26 1.10 4.24
N VAL A 161 -21.11 1.52 4.75
CA VAL A 161 -20.38 2.61 4.17
C VAL A 161 -19.02 2.09 3.71
N THR A 162 -18.63 2.46 2.49
CA THR A 162 -17.46 1.92 1.84
C THR A 162 -17.63 0.42 1.50
N GLY A 163 -17.74 -0.41 2.52
CA GLY A 163 -17.90 -1.84 2.33
C GLY A 163 -16.61 -2.58 2.01
N GLY A 164 -15.48 -2.00 2.35
CA GLY A 164 -14.16 -2.69 2.18
C GLY A 164 -13.99 -3.70 3.32
N TRP A 165 -13.08 -4.66 3.13
CA TRP A 165 -12.82 -5.62 4.23
C TRP A 165 -12.36 -4.83 5.48
N VAL A 166 -11.67 -3.74 5.20
CA VAL A 166 -11.17 -2.86 6.24
C VAL A 166 -11.30 -1.39 5.83
N MET A 167 -10.85 -0.52 6.70
CA MET A 167 -10.75 0.93 6.35
C MET A 167 -9.24 1.10 6.16
N PRO A 168 -8.76 1.01 4.91
CA PRO A 168 -7.29 0.88 4.78
C PRO A 168 -6.45 2.11 5.11
N ASP A 169 -5.21 1.85 5.51
CA ASP A 169 -4.20 2.91 5.39
C ASP A 169 -4.22 3.45 3.96
N GLU A 170 -3.95 4.76 3.84
CA GLU A 170 -3.83 5.39 2.51
C GLU A 170 -2.43 5.81 2.14
N ALA A 171 -1.46 5.70 3.08
CA ALA A 171 -0.04 6.12 2.82
C ALA A 171 0.82 5.00 2.26
N ASN A 172 0.88 3.87 2.98
CA ASN A 172 1.76 2.78 2.64
C ASN A 172 1.12 1.77 1.71
N SER A 173 -0.21 1.75 1.62
CA SER A 173 -0.91 0.70 0.88
C SER A 173 -0.71 0.78 -0.63
N HIS A 174 -0.53 -0.37 -1.28
CA HIS A 174 -0.51 -0.33 -2.74
C HIS A 174 -1.93 -0.21 -3.31
N TRP A 175 -2.13 0.55 -4.40
CA TRP A 175 -3.48 0.67 -4.96
C TRP A 175 -4.06 -0.71 -5.26
N ARG A 176 -3.21 -1.63 -5.73
CA ARG A 176 -3.67 -2.98 -6.05
C ARG A 176 -4.35 -3.67 -4.81
N ASN A 177 -3.74 -3.49 -3.63
CA ASN A 177 -4.32 -4.10 -2.38
C ASN A 177 -5.49 -3.29 -1.82
N VAL A 178 -5.47 -1.95 -2.06
CA VAL A 178 -6.70 -1.16 -1.73
C VAL A 178 -7.89 -1.72 -2.57
N LEU A 179 -7.66 -1.98 -3.85
CA LEU A 179 -8.74 -2.57 -4.67
C LEU A 179 -9.10 -3.99 -4.21
N LEU A 180 -8.07 -4.78 -3.85
CA LEU A 180 -8.30 -6.18 -3.40
C LEU A 180 -9.24 -6.19 -2.22
N GLN A 181 -8.91 -5.39 -1.20
CA GLN A 181 -9.70 -5.38 0.03
C GLN A 181 -11.12 -4.81 -0.16
N LEU A 182 -11.23 -3.77 -0.99
CA LEU A 182 -12.53 -3.17 -1.36
C LEU A 182 -13.39 -4.21 -2.04
N THR A 183 -12.80 -4.90 -3.00
CA THR A 183 -13.47 -5.98 -3.70
C THR A 183 -13.89 -7.11 -2.74
N GLU A 184 -13.03 -7.44 -1.80
CA GLU A 184 -13.30 -8.62 -0.94
C GLU A 184 -14.55 -8.33 -0.12
N GLY A 185 -14.61 -7.12 0.42
CA GLY A 185 -15.75 -6.72 1.22
C GLY A 185 -17.02 -6.53 0.41
N GLN A 186 -16.91 -5.85 -0.72
CA GLN A 186 -18.10 -5.55 -1.52
C GLN A 186 -18.64 -6.83 -2.16
N THR A 187 -17.76 -7.80 -2.49
CA THR A 187 -18.29 -9.06 -3.09
C THR A 187 -19.08 -9.81 -2.01
N TRP A 188 -18.53 -9.84 -0.80
CA TRP A 188 -19.25 -10.46 0.35
C TRP A 188 -20.63 -9.75 0.48
N LEU A 189 -20.65 -8.42 0.44
CA LEU A 189 -21.93 -7.67 0.71
C LEU A 189 -22.92 -7.92 -0.43
N LYS A 190 -22.43 -8.01 -1.67
CA LYS A 190 -23.35 -8.23 -2.82
C LYS A 190 -24.00 -9.60 -2.69
N GLN A 191 -23.18 -10.59 -2.39
CA GLN A 191 -23.62 -11.96 -2.27
C GLN A 191 -24.58 -12.19 -1.10
N PHE A 192 -24.23 -11.69 0.07
CA PHE A 192 -25.01 -11.98 1.30
C PHE A 192 -26.02 -10.94 1.75
N MET A 193 -25.75 -9.66 1.50
CA MET A 193 -26.70 -8.60 1.84
C MET A 193 -27.48 -7.99 0.67
N ASN A 194 -27.10 -8.35 -0.55
CA ASN A 194 -27.58 -7.73 -1.77
C ASN A 194 -27.50 -6.16 -1.81
N VAL A 195 -26.37 -5.62 -1.38
CA VAL A 195 -26.16 -4.19 -1.47
C VAL A 195 -24.74 -3.85 -1.89
N THR A 196 -24.57 -2.69 -2.51
CA THR A 196 -23.22 -2.21 -2.88
C THR A 196 -23.15 -0.74 -2.54
N PRO A 197 -22.39 -0.37 -1.46
CA PRO A 197 -22.25 1.04 -1.07
C PRO A 197 -21.76 1.96 -2.17
N THR A 198 -22.30 3.18 -2.23
CA THR A 198 -21.84 4.15 -3.18
C THR A 198 -21.30 5.36 -2.42
N ALA A 199 -21.33 5.31 -1.08
CA ALA A 199 -20.76 6.39 -0.23
C ALA A 199 -19.62 5.76 0.60
N SER A 200 -18.47 6.41 0.64
CA SER A 200 -17.36 5.94 1.44
C SER A 200 -17.16 6.77 2.72
N TRP A 201 -16.67 6.08 3.78
CA TRP A 201 -16.48 6.61 5.14
C TRP A 201 -15.05 6.27 5.61
N ALA A 202 -14.16 7.25 5.61
CA ALA A 202 -12.79 6.99 6.02
C ALA A 202 -12.38 7.96 7.13
N ILE A 203 -12.78 7.64 8.34
CA ILE A 203 -12.60 8.61 9.43
C ILE A 203 -11.28 8.52 10.19
N ASP A 204 -10.45 7.53 9.88
CA ASP A 204 -9.29 7.24 10.74
C ASP A 204 -7.92 7.06 10.05
N PRO A 205 -7.79 6.79 8.75
CA PRO A 205 -6.43 6.74 8.17
C PRO A 205 -5.63 8.01 8.43
N PHE A 206 -4.32 7.91 8.60
CA PHE A 206 -3.55 9.04 9.13
C PHE A 206 -3.06 9.91 7.98
N GLY A 207 -4.01 10.73 7.47
CA GLY A 207 -3.81 11.46 6.19
C GLY A 207 -4.47 10.70 5.03
N HIS A 208 -4.73 11.42 3.95
CA HIS A 208 -5.57 10.92 2.86
C HIS A 208 -4.97 11.04 1.47
N SER A 209 -5.28 10.06 0.63
CA SER A 209 -4.72 9.95 -0.71
C SER A 209 -5.80 10.06 -1.79
N PRO A 210 -5.50 10.78 -2.89
CA PRO A 210 -6.41 10.82 -4.09
C PRO A 210 -6.54 9.48 -4.79
N THR A 211 -5.73 8.50 -4.41
CA THR A 211 -5.96 7.14 -4.93
C THR A 211 -7.31 6.59 -4.55
N MET A 212 -7.80 7.05 -3.42
CA MET A 212 -9.11 6.58 -2.96
C MET A 212 -10.25 7.02 -3.88
N PRO A 213 -10.43 8.34 -4.13
CA PRO A 213 -11.50 8.70 -5.11
C PRO A 213 -11.26 8.10 -6.51
N TYR A 214 -10.00 7.91 -6.87
CA TYR A 214 -9.66 7.27 -8.15
C TYR A 214 -10.31 5.90 -8.28
N ILE A 215 -10.09 5.07 -7.28
CA ILE A 215 -10.61 3.72 -7.26
C ILE A 215 -12.12 3.72 -7.01
N LEU A 216 -12.55 4.51 -6.05
CA LEU A 216 -14.00 4.54 -5.69
C LEU A 216 -14.84 5.02 -6.90
N GLN A 217 -14.43 6.11 -7.57
CA GLN A 217 -15.23 6.63 -8.67
C GLN A 217 -15.32 5.58 -9.82
N LYS A 218 -14.31 4.73 -9.94
CA LYS A 218 -14.32 3.68 -10.96
C LYS A 218 -14.99 2.38 -10.44
N SER A 219 -15.54 2.44 -9.24
CA SER A 219 -16.17 1.27 -8.57
C SER A 219 -17.61 1.65 -8.20
N GLY A 220 -18.17 2.63 -8.93
CA GLY A 220 -19.61 3.01 -8.81
C GLY A 220 -19.91 4.04 -7.73
N PHE A 221 -18.88 4.57 -7.05
CA PHE A 221 -19.14 5.49 -5.92
C PHE A 221 -19.54 6.85 -6.39
N LYS A 222 -20.34 7.53 -5.58
CA LYS A 222 -20.80 8.89 -5.87
C LYS A 222 -20.34 9.88 -4.82
N ASN A 223 -19.96 9.41 -3.62
CA ASN A 223 -19.58 10.34 -2.52
C ASN A 223 -18.55 9.70 -1.60
N MET A 224 -17.67 10.49 -0.98
CA MET A 224 -16.76 9.93 0.06
C MET A 224 -16.55 10.98 1.17
N LEU A 225 -16.12 10.48 2.33
CA LEU A 225 -15.89 11.36 3.47
C LEU A 225 -14.54 11.03 4.07
N ILE A 226 -13.82 12.08 4.51
CA ILE A 226 -12.50 11.92 5.14
C ILE A 226 -12.40 12.77 6.39
N GLN A 227 -11.40 12.54 7.24
CA GLN A 227 -11.28 13.22 8.53
C GLN A 227 -9.87 13.67 8.90
N ARG A 228 -8.88 12.79 8.77
CA ARG A 228 -7.55 13.14 9.29
C ARG A 228 -6.75 13.94 8.29
N THR A 229 -6.95 15.26 8.32
CA THR A 229 -6.17 16.16 7.55
C THR A 229 -5.56 17.15 8.50
N HIS A 230 -4.45 17.74 8.06
CA HIS A 230 -3.68 18.68 8.90
C HIS A 230 -4.64 19.79 9.47
N TYR A 231 -4.52 20.09 10.77
CA TYR A 231 -5.33 21.13 11.40
C TYR A 231 -5.29 22.48 10.68
N SER A 232 -4.16 22.85 10.08
CA SER A 232 -4.09 24.10 9.34
C SER A 232 -4.93 24.07 8.07
N VAL A 233 -4.97 22.90 7.41
CA VAL A 233 -5.74 22.74 6.18
C VAL A 233 -7.26 22.80 6.53
N LYS A 234 -7.69 22.10 7.58
CA LYS A 234 -9.09 22.22 8.08
C LYS A 234 -9.46 23.69 8.29
N LYS A 235 -8.59 24.44 8.96
CA LYS A 235 -8.85 25.90 9.19
C LYS A 235 -9.01 26.72 7.88
N GLU A 236 -8.07 26.52 6.97
CA GLU A 236 -7.97 27.19 5.67
C GLU A 236 -9.21 26.86 4.79
N LEU A 237 -9.51 25.57 4.61
CA LEU A 237 -10.68 25.24 3.88
C LEU A 237 -12.02 25.71 4.57
N ALA A 238 -12.14 25.55 5.89
CA ALA A 238 -13.37 25.96 6.55
C ALA A 238 -13.64 27.46 6.31
N GLN A 239 -12.58 28.26 6.32
CA GLN A 239 -12.73 29.70 6.18
C GLN A 239 -13.37 30.05 4.85
N GLN A 240 -13.12 29.24 3.82
CA GLN A 240 -13.59 29.49 2.47
C GLN A 240 -14.81 28.62 2.15
N ARG A 241 -15.31 27.86 3.15
CA ARG A 241 -16.39 26.87 2.89
C ARG A 241 -16.01 25.96 1.71
N GLN A 242 -14.75 25.46 1.77
CA GLN A 242 -14.28 24.48 0.76
C GLN A 242 -14.03 23.09 1.38
N LEU A 243 -14.81 22.70 2.40
CA LEU A 243 -14.63 21.39 3.04
C LEU A 243 -15.38 20.32 2.25
N GLU A 244 -16.32 20.75 1.40
CA GLU A 244 -16.93 19.82 0.45
C GLU A 244 -16.50 20.25 -0.92
N PHE A 245 -15.97 19.29 -1.68
CA PHE A 245 -15.33 19.62 -2.93
C PHE A 245 -15.40 18.46 -3.91
N LEU A 246 -15.25 18.75 -5.19
CA LEU A 246 -15.21 17.66 -6.19
C LEU A 246 -13.73 17.30 -6.37
N TRP A 247 -13.34 16.15 -5.82
CA TRP A 247 -11.93 15.81 -5.78
C TRP A 247 -11.59 15.05 -7.07
N ARG A 248 -10.76 15.72 -7.90
CA ARG A 248 -10.28 15.10 -9.17
C ARG A 248 -8.81 14.82 -9.07
N GLN A 249 -8.35 13.91 -9.93
CA GLN A 249 -6.91 13.53 -9.98
C GLN A 249 -6.09 14.72 -10.50
N ILE A 250 -4.82 14.76 -10.09
CA ILE A 250 -3.95 15.93 -10.32
C ILE A 250 -3.71 16.25 -11.82
N TRP A 251 -3.82 15.24 -12.66
CA TRP A 251 -3.57 15.37 -14.08
C TRP A 251 -4.87 15.51 -14.87
N ASP A 252 -6.02 15.54 -14.18
CA ASP A 252 -7.30 15.41 -14.88
C ASP A 252 -7.85 16.78 -15.36
N ASN A 253 -7.66 17.11 -16.64
CA ASN A 253 -8.05 18.44 -17.12
C ASN A 253 -9.57 18.59 -17.22
N LYS A 254 -10.20 17.52 -17.58
CA LYS A 254 -11.62 17.56 -17.92
C LYS A 254 -12.48 17.49 -16.68
N GLY A 255 -12.03 16.70 -15.71
CA GLY A 255 -12.84 16.50 -14.49
C GLY A 255 -13.60 15.18 -14.43
N ASP A 256 -13.35 14.24 -15.35
CA ASP A 256 -14.18 13.01 -15.36
C ASP A 256 -13.82 12.06 -14.20
N THR A 257 -12.68 12.26 -13.53
CA THR A 257 -12.33 11.43 -12.35
C THR A 257 -13.02 11.95 -11.07
N ALA A 258 -13.68 13.10 -11.13
CA ALA A 258 -14.08 13.81 -9.92
C ALA A 258 -15.02 13.04 -8.99
N LEU A 259 -14.79 13.13 -7.69
CA LEU A 259 -15.72 12.47 -6.75
C LEU A 259 -16.05 13.43 -5.65
N PHE A 260 -17.36 13.66 -5.41
CA PHE A 260 -17.76 14.57 -4.36
C PHE A 260 -17.22 14.07 -3.01
N THR A 261 -16.53 14.94 -2.29
CA THR A 261 -15.89 14.60 -1.02
C THR A 261 -16.29 15.59 0.07
N HIS A 262 -16.63 15.06 1.23
CA HIS A 262 -16.83 15.84 2.46
C HIS A 262 -15.65 15.62 3.44
N MET A 263 -14.92 16.69 3.77
CA MET A 263 -13.92 16.67 4.81
C MET A 263 -14.56 17.14 6.11
N MET A 264 -14.49 16.31 7.17
CA MET A 264 -14.94 16.75 8.51
C MET A 264 -14.03 17.87 9.01
N PRO A 265 -14.60 18.83 9.78
CA PRO A 265 -13.89 20.08 10.11
C PRO A 265 -13.01 20.09 11.38
N PHE A 266 -13.13 19.12 12.28
CA PHE A 266 -12.58 19.23 13.63
C PHE A 266 -11.52 18.14 13.97
N TYR A 267 -11.07 18.11 15.19
CA TYR A 267 -9.85 17.38 15.55
C TYR A 267 -10.06 15.88 15.56
N SER A 268 -11.28 15.43 15.83
CA SER A 268 -11.52 14.00 16.06
C SER A 268 -12.84 13.63 15.49
N TYR A 269 -13.10 12.34 15.33
CA TYR A 269 -14.43 11.91 14.95
C TYR A 269 -15.26 11.57 16.18
N ASP A 270 -14.73 11.78 17.38
CA ASP A 270 -15.49 11.42 18.57
C ASP A 270 -16.62 12.42 18.79
N ILE A 271 -17.49 12.16 19.77
CA ILE A 271 -18.72 12.96 19.90
C ILE A 271 -18.32 14.39 20.34
N PRO A 272 -17.39 14.55 21.32
CA PRO A 272 -16.94 15.93 21.62
C PRO A 272 -16.50 16.76 20.41
N HIS A 273 -15.99 16.12 19.35
CA HIS A 273 -15.53 16.88 18.21
C HIS A 273 -16.45 16.75 16.97
N THR A 274 -17.72 16.37 17.16
CA THR A 274 -18.60 16.23 16.03
C THR A 274 -19.94 16.98 16.13
N CYS A 275 -20.32 17.48 17.28
CA CYS A 275 -21.59 18.22 17.33
C CYS A 275 -21.42 19.73 16.93
N GLY A 276 -20.20 20.25 17.01
CA GLY A 276 -19.92 21.69 16.87
C GLY A 276 -18.48 21.97 17.30
N PRO A 277 -18.13 23.25 17.29
CA PRO A 277 -16.76 23.70 17.55
C PRO A 277 -16.30 23.56 19.00
N ASP A 278 -17.23 23.41 19.93
CA ASP A 278 -16.86 23.47 21.35
C ASP A 278 -16.96 22.10 22.04
N PRO A 279 -15.79 21.43 22.23
CA PRO A 279 -15.90 20.08 22.78
C PRO A 279 -16.37 20.01 24.19
N LYS A 280 -16.23 21.09 24.98
CA LYS A 280 -16.76 21.08 26.33
C LYS A 280 -18.26 20.99 26.35
N VAL A 281 -18.91 21.57 25.32
CA VAL A 281 -20.38 21.48 25.14
C VAL A 281 -20.73 20.11 24.49
N CYS A 282 -20.05 19.76 23.39
CA CYS A 282 -20.38 18.47 22.71
C CYS A 282 -20.27 17.23 23.61
N CYS A 283 -19.24 17.21 24.49
CA CYS A 283 -19.08 16.11 25.42
C CYS A 283 -20.33 15.90 26.29
N GLN A 284 -21.08 16.98 26.55
CA GLN A 284 -22.33 16.81 27.31
C GLN A 284 -23.47 16.08 26.57
N PHE A 285 -23.23 15.75 25.28
CA PHE A 285 -24.26 15.09 24.45
C PHE A 285 -23.79 13.73 24.00
N ASP A 286 -22.71 13.30 24.64
CA ASP A 286 -22.27 11.88 24.65
C ASP A 286 -22.78 11.17 25.89
N PHE A 287 -23.92 10.50 25.76
CA PHE A 287 -24.66 9.99 26.93
C PHE A 287 -24.03 8.75 27.55
N LYS A 288 -22.96 8.24 26.90
CA LYS A 288 -22.18 7.17 27.50
C LYS A 288 -21.17 7.71 28.54
N ARG A 289 -21.11 9.01 28.74
CA ARG A 289 -20.09 9.55 29.64
C ARG A 289 -20.59 10.00 31.02
N MET A 290 -21.62 9.35 31.56
CA MET A 290 -22.15 9.79 32.87
C MET A 290 -21.58 9.08 34.11
N GLY A 291 -20.84 7.99 33.90
CA GLY A 291 -20.08 7.36 34.97
C GLY A 291 -20.10 5.84 35.05
N SER A 292 -21.29 5.26 34.93
CA SER A 292 -21.44 3.80 34.96
C SER A 292 -20.71 3.00 33.85
N PHE A 293 -20.30 3.68 32.77
CA PHE A 293 -19.55 3.07 31.68
C PHE A 293 -18.05 3.34 31.82
N GLY A 294 -17.62 3.95 32.91
CA GLY A 294 -16.22 4.28 33.08
C GLY A 294 -15.64 5.25 32.06
N LEU A 295 -16.48 6.13 31.57
CA LEU A 295 -16.04 7.21 30.68
C LEU A 295 -16.52 8.51 31.35
N SER A 296 -15.77 9.55 31.14
CA SER A 296 -16.17 10.88 31.61
C SER A 296 -15.79 11.94 30.58
N CYS A 297 -16.14 13.21 30.87
CA CYS A 297 -15.74 14.37 30.07
C CYS A 297 -14.55 15.12 30.65
N PRO A 298 -13.42 15.15 29.90
CA PRO A 298 -12.25 15.76 30.47
C PRO A 298 -12.34 17.29 30.56
N TRP A 299 -13.37 17.89 29.92
CA TRP A 299 -13.63 19.35 30.01
C TRP A 299 -14.43 19.64 31.27
N LYS A 300 -14.65 18.58 32.08
CA LYS A 300 -15.23 18.69 33.43
C LYS A 300 -16.73 19.01 33.56
N VAL A 301 -17.50 18.99 32.48
CA VAL A 301 -18.95 19.08 32.57
C VAL A 301 -19.54 17.79 32.01
N PRO A 302 -20.26 17.02 32.86
CA PRO A 302 -20.74 15.76 32.38
C PRO A 302 -22.02 15.92 31.60
N PRO A 303 -22.41 14.85 30.87
CA PRO A 303 -23.73 14.86 30.27
C PRO A 303 -24.80 14.76 31.36
N ARG A 304 -25.99 15.27 31.08
CA ARG A 304 -27.16 15.12 31.94
C ARG A 304 -28.31 14.54 31.18
N THR A 305 -29.00 13.60 31.79
CA THR A 305 -30.19 13.03 31.17
C THR A 305 -31.13 14.13 30.75
N ILE A 306 -31.69 14.00 29.57
CA ILE A 306 -32.60 14.99 29.07
C ILE A 306 -33.97 14.72 29.71
N SER A 307 -34.58 15.75 30.28
CA SER A 307 -35.94 15.62 30.85
C SER A 307 -36.80 16.77 30.32
N ASP A 308 -38.09 16.76 30.62
CA ASP A 308 -38.96 17.89 30.28
C ASP A 308 -38.49 19.22 30.85
N GLN A 309 -37.83 19.23 32.01
CA GLN A 309 -37.33 20.45 32.67
C GLN A 309 -36.05 21.01 32.14
N ASN A 310 -35.27 20.20 31.43
CA ASN A 310 -33.99 20.73 31.00
C ASN A 310 -33.85 20.75 29.49
N VAL A 311 -34.84 20.18 28.81
CA VAL A 311 -34.77 19.91 27.36
C VAL A 311 -34.66 21.23 26.62
N ALA A 312 -35.37 22.27 27.04
CA ALA A 312 -35.29 23.51 26.26
C ALA A 312 -33.90 24.11 26.36
N ALA A 313 -33.32 24.09 27.55
CA ALA A 313 -31.99 24.62 27.80
C ALA A 313 -30.99 23.77 27.04
N ARG A 314 -31.20 22.46 27.09
CA ARG A 314 -30.18 21.55 26.48
C ARG A 314 -30.26 21.75 24.95
N SER A 315 -31.46 21.85 24.42
CA SER A 315 -31.66 22.05 22.99
C SER A 315 -31.04 23.35 22.52
N ASP A 316 -31.24 24.41 23.28
CA ASP A 316 -30.60 25.66 22.93
CA ASP A 316 -30.53 25.69 23.06
C ASP A 316 -29.07 25.51 22.79
N LEU A 317 -28.42 24.82 23.74
CA LEU A 317 -26.99 24.58 23.71
C LEU A 317 -26.57 23.81 22.44
N LEU A 318 -27.32 22.76 22.11
CA LEU A 318 -26.94 21.83 21.02
C LEU A 318 -27.19 22.49 19.67
N VAL A 319 -28.37 23.09 19.52
CA VAL A 319 -28.68 23.75 18.22
C VAL A 319 -27.65 24.82 17.94
N ASP A 320 -27.21 25.54 18.98
CA ASP A 320 -26.20 26.60 18.78
C ASP A 320 -24.90 25.99 18.24
N GLN A 321 -24.50 24.84 18.79
CA GLN A 321 -23.32 24.09 18.25
C GLN A 321 -23.54 23.72 16.77
N TRP A 322 -24.74 23.20 16.49
CA TRP A 322 -25.11 22.76 15.11
C TRP A 322 -25.04 23.90 14.13
N LYS A 323 -25.58 25.07 14.52
CA LYS A 323 -25.65 26.22 13.59
C LYS A 323 -24.27 26.80 13.35
N LYS A 324 -23.40 26.69 14.33
CA LYS A 324 -22.00 27.07 14.17
C LYS A 324 -21.28 26.09 13.22
N LYS A 325 -21.42 24.78 13.46
CA LYS A 325 -20.86 23.83 12.50
C LYS A 325 -21.39 24.11 11.06
N ALA A 326 -22.71 24.29 10.92
CA ALA A 326 -23.33 24.59 9.61
C ALA A 326 -22.77 25.83 8.88
N GLU A 327 -22.21 26.77 9.63
CA GLU A 327 -21.59 27.94 8.98
C GLU A 327 -20.41 27.60 8.12
N LEU A 328 -19.78 26.42 8.38
CA LEU A 328 -18.55 25.99 7.68
C LEU A 328 -18.87 25.34 6.33
N TYR A 329 -20.14 25.05 6.07
CA TYR A 329 -20.63 24.35 4.85
C TYR A 329 -21.65 25.15 4.04
N ARG A 330 -21.90 24.72 2.81
CA ARG A 330 -22.63 25.54 1.85
C ARG A 330 -24.15 25.31 1.74
N THR A 331 -24.64 24.16 2.19
CA THR A 331 -26.08 23.85 2.03
C THR A 331 -26.72 23.92 3.38
N ASN A 332 -28.03 23.70 3.38
CA ASN A 332 -28.81 23.73 4.62
C ASN A 332 -29.01 22.30 5.18
N VAL A 333 -28.10 21.41 4.81
CA VAL A 333 -28.08 20.03 5.29
C VAL A 333 -26.81 19.73 6.06
N LEU A 334 -26.95 19.25 7.30
CA LEU A 334 -25.87 19.16 8.28
C LEU A 334 -25.60 17.70 8.69
N LEU A 335 -24.32 17.30 8.59
CA LEU A 335 -23.92 15.95 9.00
C LEU A 335 -23.39 16.01 10.49
N ILE A 336 -23.99 15.22 11.39
CA ILE A 336 -23.50 15.09 12.76
CA ILE A 336 -23.54 15.09 12.77
C ILE A 336 -23.22 13.61 13.03
N PRO A 337 -21.96 13.16 12.81
CA PRO A 337 -21.69 11.78 13.23
C PRO A 337 -21.93 11.66 14.77
N LEU A 338 -22.37 10.48 15.20
CA LEU A 338 -22.53 10.15 16.62
C LEU A 338 -21.89 8.80 16.99
N GLY A 339 -20.63 8.81 17.46
CA GLY A 339 -19.97 7.51 17.72
C GLY A 339 -18.48 7.71 18.05
N ASP A 340 -17.80 6.59 18.32
CA ASP A 340 -16.43 6.63 18.78
C ASP A 340 -15.98 5.17 18.73
N ASP A 341 -14.81 4.86 19.26
CA ASP A 341 -14.27 3.50 19.14
C ASP A 341 -15.09 2.43 19.80
N PHE A 342 -15.39 1.39 19.05
CA PHE A 342 -16.13 0.24 19.62
C PHE A 342 -17.34 0.69 20.48
N ARG A 343 -18.02 1.72 19.96
CA ARG A 343 -19.28 2.15 20.55
C ARG A 343 -20.46 1.28 20.17
N PHE A 344 -21.56 1.56 20.86
CA PHE A 344 -22.81 0.83 20.69
C PHE A 344 -22.71 -0.64 21.03
N LYS A 345 -22.04 -0.91 22.17
CA LYS A 345 -21.75 -2.24 22.65
C LYS A 345 -22.90 -2.65 23.59
N GLN A 346 -22.97 -2.00 24.74
CA GLN A 346 -23.95 -2.37 25.75
C GLN A 346 -25.38 -2.01 25.36
N ASN A 347 -26.31 -2.88 25.67
CA ASN A 347 -27.71 -2.56 25.51
C ASN A 347 -28.07 -1.26 26.17
N THR A 348 -27.53 -1.04 27.36
CA THR A 348 -27.80 0.17 28.10
C THR A 348 -27.27 1.42 27.37
N GLU A 349 -26.22 1.24 26.60
CA GLU A 349 -25.61 2.32 25.80
C GLU A 349 -26.53 2.67 24.63
N TRP A 350 -27.03 1.67 23.90
CA TRP A 350 -28.04 1.94 22.86
C TRP A 350 -29.21 2.77 23.39
N ASP A 351 -29.77 2.34 24.51
CA ASP A 351 -30.88 3.06 25.18
C ASP A 351 -30.54 4.48 25.58
N VAL A 352 -29.38 4.67 26.22
CA VAL A 352 -29.01 5.97 26.75
C VAL A 352 -28.81 6.99 25.61
N GLN A 353 -28.12 6.57 24.55
CA GLN A 353 -27.96 7.46 23.35
C GLN A 353 -29.29 7.72 22.65
N ARG A 354 -30.06 6.67 22.38
CA ARG A 354 -31.22 6.80 21.55
C ARG A 354 -32.32 7.61 22.27
N VAL A 355 -32.56 7.31 23.55
CA VAL A 355 -33.71 7.92 24.19
C VAL A 355 -33.41 9.40 24.42
N ASN A 356 -32.20 9.70 24.84
CA ASN A 356 -31.83 11.15 25.03
C ASN A 356 -31.91 11.96 23.74
N TYR A 357 -31.36 11.39 22.65
CA TYR A 357 -31.47 12.09 21.36
C TYR A 357 -32.94 12.21 20.87
N GLU A 358 -33.75 11.16 21.04
CA GLU A 358 -35.16 11.30 20.68
C GLU A 358 -35.85 12.42 21.45
N ARG A 359 -35.55 12.59 22.74
CA ARG A 359 -36.14 13.72 23.46
C ARG A 359 -35.72 15.07 22.85
N LEU A 360 -34.44 15.21 22.51
CA LEU A 360 -33.90 16.47 21.93
C LEU A 360 -34.58 16.69 20.61
N PHE A 361 -34.70 15.65 19.78
CA PHE A 361 -35.35 15.83 18.47
C PHE A 361 -36.82 16.26 18.64
N GLU A 362 -37.57 15.60 19.52
CA GLU A 362 -38.97 15.97 19.66
C GLU A 362 -39.14 17.46 20.04
N HIS A 363 -38.34 17.95 20.98
CA HIS A 363 -38.45 19.33 21.38
C HIS A 363 -37.96 20.25 20.25
N ILE A 364 -36.80 20.01 19.68
CA ILE A 364 -36.25 20.91 18.63
C ILE A 364 -37.16 21.00 17.43
N ASN A 365 -37.62 19.88 16.93
CA ASN A 365 -38.43 19.87 15.72
C ASN A 365 -39.79 20.56 15.85
N SER A 366 -40.27 20.62 17.09
CA SER A 366 -41.60 21.16 17.38
C SER A 366 -41.51 22.65 17.80
N GLN A 367 -40.30 23.18 17.99
CA GLN A 367 -40.08 24.59 18.32
C GLN A 367 -39.64 25.37 17.09
N ALA A 368 -40.62 26.07 16.51
CA ALA A 368 -40.42 26.72 15.20
C ALA A 368 -39.32 27.71 15.23
N HIS A 369 -39.06 28.33 16.39
CA HIS A 369 -38.05 29.36 16.44
C HIS A 369 -36.60 28.82 16.15
N PHE A 370 -36.37 27.51 16.28
CA PHE A 370 -35.03 26.99 15.96
C PHE A 370 -34.88 26.89 14.46
N ASN A 371 -36.00 26.71 13.75
CA ASN A 371 -36.02 26.42 12.30
C ASN A 371 -35.06 25.27 11.95
N VAL A 372 -35.18 24.16 12.65
CA VAL A 372 -34.36 22.97 12.43
C VAL A 372 -35.24 21.74 12.35
N GLN A 373 -34.92 20.79 11.48
CA GLN A 373 -35.59 19.49 11.50
C GLN A 373 -34.43 18.45 11.64
N ALA A 374 -34.34 17.80 12.81
CA ALA A 374 -33.26 16.86 13.13
C ALA A 374 -33.80 15.46 13.24
N GLN A 375 -33.03 14.47 12.80
CA GLN A 375 -33.43 13.08 12.87
C GLN A 375 -32.20 12.18 12.78
N PHE A 376 -32.29 10.95 13.27
CA PHE A 376 -31.20 9.96 12.97
C PHE A 376 -31.17 9.73 11.46
N GLY A 377 -29.98 9.54 10.88
CA GLY A 377 -29.94 9.38 9.42
C GLY A 377 -28.76 8.49 9.13
N THR A 378 -28.66 8.08 7.86
CA THR A 378 -27.45 7.39 7.39
C THR A 378 -26.57 8.31 6.54
N LEU A 379 -25.38 7.82 6.20
CA LEU A 379 -24.45 8.63 5.37
C LEU A 379 -25.02 8.89 3.99
N GLN A 380 -25.58 7.86 3.35
CA GLN A 380 -26.25 8.09 2.05
C GLN A 380 -27.37 9.12 2.12
N GLU A 381 -28.14 9.09 3.22
CA GLU A 381 -29.25 10.09 3.36
C GLU A 381 -28.72 11.51 3.37
N TYR A 382 -27.60 11.72 4.05
CA TYR A 382 -26.90 12.97 4.09
C TYR A 382 -26.52 13.42 2.71
N PHE A 383 -25.71 12.59 2.00
CA PHE A 383 -25.31 12.96 0.64
C PHE A 383 -26.50 13.23 -0.35
N ASP A 384 -27.52 12.37 -0.30
CA ASP A 384 -28.69 12.54 -1.15
C ASP A 384 -29.31 13.94 -0.91
N ALA A 385 -29.42 14.35 0.35
CA ALA A 385 -30.01 15.65 0.67
C ALA A 385 -29.13 16.83 0.24
N VAL A 386 -27.83 16.69 0.45
CA VAL A 386 -26.86 17.69 -0.08
C VAL A 386 -27.02 17.90 -1.58
N HIS A 387 -27.05 16.82 -2.35
CA HIS A 387 -27.18 16.96 -3.79
C HIS A 387 -28.57 17.49 -4.27
N GLN A 388 -29.62 17.16 -3.54
CA GLN A 388 -30.93 17.80 -3.79
C GLN A 388 -30.85 19.30 -3.61
N ALA A 389 -30.13 19.76 -2.57
CA ALA A 389 -29.89 21.20 -2.33
C ALA A 389 -29.05 21.81 -3.46
N GLU A 390 -27.99 21.11 -3.86
CA GLU A 390 -27.18 21.51 -5.03
C GLU A 390 -28.05 21.67 -6.29
N ARG A 391 -28.88 20.66 -6.58
CA ARG A 391 -29.72 20.70 -7.75
C ARG A 391 -30.72 21.87 -7.68
N ALA A 392 -31.25 22.17 -6.49
CA ALA A 392 -32.16 23.30 -6.31
C ALA A 392 -31.43 24.66 -6.45
N GLY A 393 -30.15 24.63 -6.83
CA GLY A 393 -29.37 25.88 -7.07
C GLY A 393 -28.97 26.55 -5.80
N GLN A 394 -29.00 25.78 -4.72
CA GLN A 394 -28.68 26.33 -3.42
C GLN A 394 -27.17 26.47 -3.13
N ALA A 395 -26.34 25.71 -3.84
CA ALA A 395 -24.88 25.75 -3.66
C ALA A 395 -24.18 25.29 -4.93
N GLU A 396 -22.96 25.77 -5.13
CA GLU A 396 -22.06 25.11 -6.09
C GLU A 396 -20.76 24.83 -5.38
N PHE A 397 -20.15 23.72 -5.73
CA PHE A 397 -19.04 23.25 -4.96
C PHE A 397 -17.70 23.52 -5.69
N PRO A 398 -16.63 23.80 -4.90
CA PRO A 398 -15.32 23.98 -5.49
C PRO A 398 -14.74 22.65 -5.99
N THR A 399 -13.86 22.80 -6.97
CA THR A 399 -13.02 21.68 -7.51
C THR A 399 -11.68 21.66 -6.76
N LEU A 400 -11.12 20.45 -6.54
CA LEU A 400 -9.88 20.34 -5.76
C LEU A 400 -9.02 19.19 -6.34
N SER A 401 -7.72 19.38 -6.38
CA SER A 401 -6.79 18.22 -6.61
C SER A 401 -5.64 18.29 -5.63
N GLY A 402 -4.94 17.17 -5.49
CA GLY A 402 -3.83 17.03 -4.52
C GLY A 402 -4.12 15.95 -3.48
N ASP A 403 -3.29 15.92 -2.46
CA ASP A 403 -3.37 14.92 -1.41
C ASP A 403 -3.37 15.61 -0.03
N PHE A 404 -3.50 14.80 1.04
CA PHE A 404 -3.56 15.28 2.40
C PHE A 404 -2.49 14.62 3.27
N PHE A 405 -1.25 14.64 2.75
CA PHE A 405 -0.06 14.22 3.55
C PHE A 405 0.85 15.43 3.61
N THR A 406 1.60 15.59 4.69
CA THR A 406 1.64 14.68 5.81
C THR A 406 0.79 15.24 6.95
N TYR A 407 -0.01 14.38 7.57
CA TYR A 407 -0.94 14.79 8.64
C TYR A 407 -0.26 15.22 9.94
N ALA A 408 -0.76 16.29 10.57
CA ALA A 408 -0.46 16.63 11.96
C ALA A 408 -1.80 16.83 12.63
N ASP A 409 -1.99 16.22 13.79
CA ASP A 409 -3.22 16.41 14.59
C ASP A 409 -3.11 17.62 15.58
N ARG A 410 -1.87 18.00 15.90
CA ARG A 410 -1.61 19.19 16.78
C ARG A 410 -0.17 19.60 16.72
N SER A 411 0.07 20.89 16.99
CA SER A 411 1.41 21.46 17.06
CA SER A 411 1.44 21.36 17.13
C SER A 411 2.36 20.93 15.98
N ASP A 412 3.54 20.39 16.35
CA ASP A 412 4.51 19.91 15.33
C ASP A 412 4.49 18.35 15.29
N ASN A 413 3.39 17.74 15.74
CA ASN A 413 3.27 16.27 15.84
C ASN A 413 2.81 15.76 14.48
N TYR A 414 3.75 15.61 13.57
CA TYR A 414 3.50 15.10 12.22
C TYR A 414 3.60 13.59 12.19
N TRP A 415 2.68 12.94 11.46
CA TRP A 415 2.56 11.47 11.53
C TRP A 415 3.32 10.86 10.38
N SER A 416 4.62 11.15 10.35
CA SER A 416 5.48 10.53 9.36
C SER A 416 6.26 9.29 9.85
N GLY A 417 6.15 8.96 11.13
CA GLY A 417 6.85 7.79 11.73
C GLY A 417 6.34 6.51 11.09
N TYR A 418 5.02 6.46 10.91
CA TYR A 418 4.38 5.20 10.46
C TYR A 418 4.61 4.94 8.98
N TYR A 419 5.33 5.84 8.27
CA TYR A 419 5.69 5.56 6.87
C TYR A 419 6.79 4.50 6.93
N THR A 420 7.38 4.23 8.11
CA THR A 420 8.54 3.28 8.23
C THR A 420 8.33 2.20 9.30
N SER A 421 7.56 2.49 10.35
CA SER A 421 7.39 1.53 11.47
C SER A 421 7.12 0.09 11.08
N ARG A 422 7.78 -0.85 11.76
CA ARG A 422 7.68 -2.27 11.50
C ARG A 422 7.91 -2.55 10.01
N PRO A 423 9.11 -2.25 9.54
CA PRO A 423 9.36 -2.32 8.09
C PRO A 423 9.43 -3.77 7.54
N TYR A 424 9.67 -4.72 8.43
CA TYR A 424 9.67 -6.13 8.04
C TYR A 424 8.30 -6.47 7.46
N HIS A 425 7.25 -6.00 8.09
CA HIS A 425 5.88 -6.28 7.62
C HIS A 425 5.43 -5.45 6.42
N LYS A 426 5.99 -4.26 6.31
CA LYS A 426 5.77 -3.42 5.15
C LYS A 426 6.35 -4.11 3.90
N ARG A 427 7.52 -4.73 4.05
CA ARG A 427 8.10 -5.49 2.95
C ARG A 427 7.26 -6.75 2.68
N MET A 428 6.88 -7.44 3.75
CA MET A 428 6.04 -8.67 3.62
C MET A 428 4.73 -8.39 2.86
N ASP A 429 4.11 -7.22 3.11
CA ASP A 429 2.96 -6.74 2.27
C ASP A 429 3.19 -6.82 0.77
N ARG A 430 4.35 -6.34 0.32
CA ARG A 430 4.60 -6.28 -1.12
C ARG A 430 4.87 -7.68 -1.65
N VAL A 431 5.53 -8.49 -0.85
CA VAL A 431 5.75 -9.88 -1.25
C VAL A 431 4.40 -10.60 -1.41
N LEU A 432 3.56 -10.52 -0.39
CA LEU A 432 2.27 -11.20 -0.47
C LEU A 432 1.39 -10.60 -1.53
N MET A 433 1.47 -9.26 -1.78
CA MET A 433 0.73 -8.68 -2.87
C MET A 433 0.94 -9.43 -4.22
N HIS A 434 2.24 -9.64 -4.53
CA HIS A 434 2.61 -10.25 -5.77
C HIS A 434 2.21 -11.73 -5.80
N TYR A 435 2.38 -12.43 -4.67
CA TYR A 435 2.08 -13.90 -4.62
C TYR A 435 0.56 -14.09 -4.75
N VAL A 436 -0.23 -13.16 -4.19
CA VAL A 436 -1.68 -13.25 -4.43
C VAL A 436 -1.99 -13.07 -5.94
N ARG A 437 -1.39 -12.08 -6.58
CA ARG A 437 -1.67 -11.85 -7.97
C ARG A 437 -1.26 -13.11 -8.74
N ALA A 438 -0.03 -13.61 -8.45
CA ALA A 438 0.47 -14.77 -9.19
C ALA A 438 -0.39 -16.04 -9.01
N ALA A 439 -0.82 -16.30 -7.77
CA ALA A 439 -1.66 -17.45 -7.49
C ALA A 439 -3.03 -17.33 -8.22
N GLU A 440 -3.65 -16.14 -8.19
CA GLU A 440 -4.97 -15.95 -8.86
C GLU A 440 -4.86 -16.06 -10.35
N MET A 441 -3.77 -15.51 -10.93
CA MET A 441 -3.56 -15.54 -12.37
C MET A 441 -3.26 -16.99 -12.82
N LEU A 442 -2.29 -17.64 -12.18
CA LEU A 442 -1.91 -19.02 -12.61
C LEU A 442 -3.05 -19.98 -12.57
N SER A 443 -3.88 -19.86 -11.56
CA SER A 443 -4.98 -20.82 -11.38
C SER A 443 -6.19 -20.43 -12.19
N ALA A 444 -6.26 -19.16 -12.63
CA ALA A 444 -7.41 -18.65 -13.46
C ALA A 444 -7.55 -19.35 -14.84
N TRP A 445 -6.45 -19.89 -15.37
CA TRP A 445 -6.46 -20.46 -16.71
C TRP A 445 -7.35 -21.70 -16.85
N HIS A 446 -7.54 -22.41 -15.74
CA HIS A 446 -8.43 -23.57 -15.69
C HIS A 446 -9.56 -23.45 -14.67
N SER A 447 -10.62 -24.24 -14.88
CA SER A 447 -11.61 -24.52 -13.84
C SER A 447 -11.08 -25.67 -13.01
N TRP A 448 -11.22 -25.60 -11.71
CA TRP A 448 -10.68 -26.63 -10.87
C TRP A 448 -11.78 -27.40 -10.16
N ASP A 449 -11.64 -28.72 -10.12
CA ASP A 449 -12.44 -29.53 -9.20
C ASP A 449 -12.44 -28.97 -7.76
N GLY A 450 -13.60 -28.96 -7.14
CA GLY A 450 -13.68 -28.55 -5.73
C GLY A 450 -12.72 -29.27 -4.80
N MET A 451 -12.38 -30.53 -5.11
CA MET A 451 -11.43 -31.24 -4.30
C MET A 451 -10.02 -30.61 -4.28
N ALA A 452 -9.72 -29.77 -5.26
CA ALA A 452 -8.39 -29.12 -5.33
C ALA A 452 -8.24 -27.99 -4.30
N ARG A 453 -9.38 -27.55 -3.77
CA ARG A 453 -9.47 -26.47 -2.76
C ARG A 453 -8.79 -25.17 -3.16
N ILE A 454 -8.80 -24.88 -4.46
CA ILE A 454 -8.18 -23.68 -5.02
C ILE A 454 -8.90 -22.45 -4.46
N GLU A 455 -10.22 -22.45 -4.55
CA GLU A 455 -11.03 -21.29 -4.14
C GLU A 455 -10.84 -21.04 -2.66
N GLU A 456 -10.83 -22.11 -1.87
CA GLU A 456 -10.64 -21.99 -0.43
C GLU A 456 -9.28 -21.28 -0.10
N ARG A 457 -8.19 -21.77 -0.69
CA ARG A 457 -6.85 -21.22 -0.39
C ARG A 457 -6.74 -19.77 -0.88
N LEU A 458 -7.31 -19.46 -2.06
CA LEU A 458 -7.24 -18.08 -2.63
C LEU A 458 -8.03 -17.13 -1.77
N GLU A 459 -9.17 -17.58 -1.23
CA GLU A 459 -10.00 -16.70 -0.38
C GLU A 459 -9.25 -16.41 0.90
N GLN A 460 -8.59 -17.42 1.51
CA GLN A 460 -7.81 -17.17 2.75
C GLN A 460 -6.69 -16.18 2.45
N ALA A 461 -5.95 -16.38 1.37
CA ALA A 461 -4.85 -15.47 1.05
C ALA A 461 -5.34 -14.04 0.83
N ARG A 462 -6.39 -13.89 0.04
CA ARG A 462 -6.95 -12.53 -0.22
C ARG A 462 -7.37 -11.88 1.09
N ARG A 463 -8.02 -12.67 1.95
CA ARG A 463 -8.47 -12.14 3.26
C ARG A 463 -7.40 -11.79 4.24
N GLU A 464 -6.32 -12.58 4.34
CA GLU A 464 -5.26 -12.15 5.23
C GLU A 464 -4.50 -10.95 4.69
N LEU A 465 -4.30 -10.88 3.38
CA LEU A 465 -3.65 -9.68 2.83
C LEU A 465 -4.55 -8.44 3.00
N SER A 466 -5.87 -8.62 2.74
CA SER A 466 -6.84 -7.52 2.85
C SER A 466 -6.87 -7.02 4.30
N LEU A 467 -6.78 -7.96 5.24
CA LEU A 467 -6.87 -7.57 6.63
C LEU A 467 -5.69 -6.64 6.99
N PHE A 468 -4.54 -6.96 6.46
CA PHE A 468 -3.31 -6.21 6.81
C PHE A 468 -3.30 -4.78 6.23
N GLN A 469 -4.19 -4.47 5.29
CA GLN A 469 -4.32 -3.09 4.76
C GLN A 469 -4.95 -2.16 5.79
N HIS A 470 -5.49 -2.75 6.87
CA HIS A 470 -6.01 -1.95 7.99
C HIS A 470 -5.00 -0.81 8.37
N HIS A 471 -5.51 0.35 8.81
CA HIS A 471 -4.68 1.48 9.18
C HIS A 471 -3.88 1.30 10.50
N ASP A 472 -3.95 0.09 11.10
CA ASP A 472 -2.96 -0.33 12.15
C ASP A 472 -2.18 -1.60 11.76
N GLY A 473 -2.33 -2.05 10.50
CA GLY A 473 -1.65 -3.24 10.03
C GLY A 473 -0.37 -2.83 9.37
N ILE A 474 -0.46 -2.59 8.06
CA ILE A 474 0.71 -2.17 7.29
C ILE A 474 1.39 -0.92 7.90
N THR A 475 0.61 -0.09 8.60
CA THR A 475 1.17 1.11 9.24
C THR A 475 2.24 0.85 10.35
N GLY A 476 2.26 -0.37 10.89
CA GLY A 476 3.14 -0.75 12.00
C GLY A 476 2.77 0.03 13.24
N THR A 477 1.50 0.30 13.41
CA THR A 477 1.03 0.99 14.65
C THR A 477 0.26 0.07 15.64
N ALA A 478 0.38 -1.25 15.55
CA ALA A 478 -0.32 -2.14 16.48
C ALA A 478 0.60 -2.60 17.63
N LYS A 479 0.02 -3.20 18.68
CA LYS A 479 0.87 -3.78 19.78
C LYS A 479 1.66 -4.97 19.26
N THR A 480 2.75 -5.28 19.94
CA THR A 480 3.64 -6.37 19.49
C THR A 480 2.94 -7.67 19.23
N HIS A 481 1.99 -8.06 20.07
CA HIS A 481 1.38 -9.38 19.85
C HIS A 481 0.43 -9.39 18.65
N VAL A 482 0.00 -8.16 18.29
CA VAL A 482 -0.99 -7.98 17.21
C VAL A 482 -0.18 -8.02 15.94
N VAL A 483 1.01 -7.42 15.95
CA VAL A 483 1.87 -7.49 14.78
C VAL A 483 2.20 -8.97 14.52
N VAL A 484 2.43 -9.73 15.60
CA VAL A 484 2.68 -11.19 15.46
C VAL A 484 1.49 -11.90 14.82
N ASP A 485 0.29 -11.54 15.22
CA ASP A 485 -0.93 -12.10 14.59
C ASP A 485 -0.97 -11.81 13.11
N TYR A 486 -0.73 -10.58 12.70
CA TYR A 486 -0.77 -10.25 11.27
C TYR A 486 0.27 -11.03 10.48
N GLU A 487 1.47 -11.16 11.04
CA GLU A 487 2.59 -11.85 10.37
C GLU A 487 2.23 -13.32 10.21
N GLN A 488 1.70 -13.96 11.29
CA GLN A 488 1.29 -15.39 11.18
C GLN A 488 0.23 -15.59 10.11
N ARG A 489 -0.74 -14.69 10.06
CA ARG A 489 -1.81 -14.73 9.04
C ARG A 489 -1.22 -14.58 7.68
N MET A 490 -0.32 -13.61 7.48
CA MET A 490 0.34 -13.46 6.17
C MET A 490 1.23 -14.68 5.80
N GLN A 491 1.85 -15.30 6.80
CA GLN A 491 2.69 -16.49 6.47
C GLN A 491 1.78 -17.64 5.92
N GLU A 492 0.65 -17.85 6.58
CA GLU A 492 -0.31 -18.82 6.10
C GLU A 492 -0.80 -18.44 4.70
N ALA A 493 -0.96 -17.15 4.45
CA ALA A 493 -1.40 -16.70 3.13
C ALA A 493 -0.35 -17.07 2.07
N LEU A 494 0.90 -16.79 2.39
CA LEU A 494 2.03 -17.11 1.49
C LEU A 494 2.03 -18.64 1.18
N LYS A 495 1.81 -19.45 2.19
CA LYS A 495 1.76 -20.90 2.01
C LYS A 495 0.59 -21.29 1.13
N ALA A 496 -0.57 -20.65 1.33
CA ALA A 496 -1.74 -20.94 0.47
C ALA A 496 -1.40 -20.55 -1.00
N CYS A 497 -0.77 -19.40 -1.24
CA CYS A 497 -0.41 -18.98 -2.60
C CYS A 497 0.55 -19.99 -3.20
N GLN A 498 1.54 -20.41 -2.44
CA GLN A 498 2.52 -21.39 -3.00
C GLN A 498 1.77 -22.69 -3.43
N MET A 499 0.87 -23.18 -2.60
CA MET A 499 0.14 -24.40 -2.92
C MET A 499 -0.60 -24.23 -4.24
N VAL A 500 -1.35 -23.15 -4.37
CA VAL A 500 -2.09 -22.89 -5.63
C VAL A 500 -1.20 -22.74 -6.83
N MET A 501 -0.16 -21.93 -6.69
CA MET A 501 0.78 -21.68 -7.82
C MET A 501 1.39 -23.03 -8.26
N GLN A 502 1.89 -23.85 -7.30
CA GLN A 502 2.70 -25.04 -7.70
C GLN A 502 1.74 -26.10 -8.34
N GLN A 503 0.54 -26.22 -7.82
CA GLN A 503 -0.47 -27.06 -8.50
C GLN A 503 -0.80 -26.56 -9.91
N SER A 504 -0.90 -25.24 -10.09
CA SER A 504 -1.23 -24.67 -11.37
C SER A 504 -0.07 -24.90 -12.37
N VAL A 505 1.16 -24.73 -11.92
CA VAL A 505 2.29 -24.93 -12.83
C VAL A 505 2.31 -26.37 -13.36
N TYR A 506 2.04 -27.29 -12.45
CA TYR A 506 2.09 -28.74 -12.77
C TYR A 506 1.04 -29.06 -13.82
N ARG A 507 -0.13 -28.45 -13.73
CA ARG A 507 -1.15 -28.65 -14.76
C ARG A 507 -0.84 -27.96 -16.07
N LEU A 508 -0.30 -26.76 -16.02
CA LEU A 508 -0.07 -26.01 -17.21
C LEU A 508 1.06 -26.58 -18.04
N LEU A 509 1.94 -27.34 -17.39
CA LEU A 509 3.19 -27.77 -18.07
C LEU A 509 3.34 -29.29 -18.15
N THR A 510 2.23 -30.01 -18.00
CA THR A 510 2.27 -31.46 -18.11
C THR A 510 1.36 -31.91 -19.26
N LYS A 511 1.87 -32.77 -20.13
CA LYS A 511 0.98 -33.29 -21.20
C LYS A 511 -0.38 -33.71 -20.64
N PRO A 512 -1.49 -33.22 -21.27
CA PRO A 512 -2.80 -33.45 -20.63
C PRO A 512 -3.16 -34.91 -20.39
N SER A 513 -2.78 -35.81 -21.30
CA SER A 513 -3.12 -37.24 -21.13
C SER A 513 -2.24 -37.96 -20.13
N ILE A 514 -1.25 -37.28 -19.57
CA ILE A 514 -0.31 -37.85 -18.57
C ILE A 514 -0.55 -37.20 -17.17
N TYR A 515 -1.05 -35.96 -17.18
CA TYR A 515 -1.40 -35.21 -15.96
C TYR A 515 -2.19 -36.02 -14.94
N SER A 516 -1.62 -36.22 -13.76
CA SER A 516 -2.22 -37.09 -12.73
C SER A 516 -2.10 -36.50 -11.30
N PRO A 517 -2.88 -35.43 -11.00
CA PRO A 517 -2.63 -34.70 -9.77
C PRO A 517 -3.14 -35.43 -8.55
N ASP A 518 -2.38 -35.34 -7.49
CA ASP A 518 -2.92 -35.47 -6.16
C ASP A 518 -2.90 -34.03 -5.59
N PHE A 519 -4.06 -33.54 -5.17
CA PHE A 519 -4.25 -32.11 -4.85
C PHE A 519 -3.61 -31.70 -3.54
N SER A 520 -3.07 -32.69 -2.82
CA SER A 520 -2.35 -32.45 -1.57
C SER A 520 -0.83 -32.54 -1.72
N PHE A 521 -0.36 -32.89 -2.91
CA PHE A 521 1.06 -33.13 -3.10
C PHE A 521 1.84 -31.85 -3.46
N SER A 522 3.13 -31.79 -3.08
CA SER A 522 4.01 -30.71 -3.55
C SER A 522 4.83 -31.10 -4.77
N TYR A 523 4.35 -30.70 -5.95
CA TYR A 523 5.07 -30.90 -7.21
C TYR A 523 6.25 -29.98 -7.35
N PHE A 524 6.12 -28.75 -6.84
CA PHE A 524 7.21 -27.78 -6.94
C PHE A 524 7.28 -27.06 -5.61
N THR A 525 8.44 -26.52 -5.28
CA THR A 525 8.51 -25.56 -4.18
C THR A 525 8.98 -24.24 -4.76
N LEU A 526 8.57 -23.13 -4.16
CA LEU A 526 8.98 -21.83 -4.63
C LEU A 526 10.39 -21.55 -4.09
N ASP A 527 11.20 -20.83 -4.88
CA ASP A 527 12.49 -20.42 -4.39
C ASP A 527 12.47 -18.89 -4.51
N ASP A 528 12.64 -18.21 -3.39
CA ASP A 528 12.55 -16.73 -3.41
C ASP A 528 13.87 -16.18 -2.85
N SER A 529 14.61 -15.50 -3.71
CA SER A 529 15.97 -14.93 -3.36
C SER A 529 15.89 -13.75 -2.44
N ARG A 530 14.71 -13.10 -2.35
CA ARG A 530 14.67 -11.83 -1.69
C ARG A 530 13.67 -11.80 -0.56
N TRP A 531 13.04 -12.93 -0.27
CA TRP A 531 12.17 -12.94 0.92
C TRP A 531 12.15 -14.33 1.53
N PRO A 532 12.36 -14.46 2.84
CA PRO A 532 12.66 -13.34 3.75
C PRO A 532 14.05 -12.72 3.55
N GLY A 533 14.87 -13.41 2.78
CA GLY A 533 16.13 -12.86 2.24
C GLY A 533 17.26 -13.25 3.18
N SER A 534 18.46 -13.12 2.72
CA SER A 534 19.59 -13.78 3.33
C SER A 534 20.06 -13.00 4.54
N GLY A 535 20.17 -13.70 5.63
CA GLY A 535 20.46 -13.01 6.87
C GLY A 535 19.19 -12.81 7.68
N VAL A 536 18.06 -13.06 7.03
CA VAL A 536 16.75 -13.01 7.67
C VAL A 536 16.28 -14.44 7.95
N GLU A 537 16.74 -15.36 7.12
CA GLU A 537 16.29 -16.74 7.23
C GLU A 537 17.01 -17.53 6.18
N ASP A 538 17.62 -18.64 6.57
CA ASP A 538 18.11 -19.59 5.58
C ASP A 538 16.92 -20.45 5.18
N SER A 539 16.06 -19.88 4.35
CA SER A 539 14.80 -20.55 3.93
C SER A 539 15.02 -21.35 2.64
N ARG A 540 16.09 -20.97 1.91
CA ARG A 540 16.26 -21.44 0.53
C ARG A 540 16.75 -22.88 0.46
N THR A 541 16.03 -23.72 -0.29
CA THR A 541 16.46 -25.11 -0.52
C THR A 541 17.66 -25.13 -1.49
N THR A 542 18.55 -26.10 -1.31
CA THR A 542 19.61 -26.32 -2.25
C THR A 542 19.22 -27.42 -3.17
N ILE A 543 19.39 -27.20 -4.46
CA ILE A 543 19.20 -28.29 -5.43
C ILE A 543 20.40 -29.28 -5.32
N ILE A 544 20.11 -30.53 -4.93
CA ILE A 544 21.18 -31.47 -4.69
C ILE A 544 21.37 -32.39 -5.87
N LEU A 545 22.51 -32.26 -6.53
CA LEU A 545 22.81 -33.01 -7.73
C LEU A 545 24.08 -33.86 -7.45
N GLY A 546 24.24 -34.99 -8.10
CA GLY A 546 25.52 -35.71 -7.98
C GLY A 546 25.46 -36.85 -8.97
N GLU A 547 26.61 -37.26 -9.44
CA GLU A 547 26.71 -38.41 -10.36
C GLU A 547 26.07 -39.70 -9.85
N ASP A 548 26.11 -39.88 -8.54
CA ASP A 548 25.63 -41.09 -7.89
C ASP A 548 24.22 -40.93 -7.32
N ILE A 549 23.54 -39.84 -7.64
CA ILE A 549 22.23 -39.61 -7.04
C ILE A 549 21.17 -38.99 -7.93
N LEU A 550 21.52 -37.94 -8.63
CA LEU A 550 20.56 -37.24 -9.45
C LEU A 550 21.35 -36.31 -10.32
N PRO A 551 21.35 -36.55 -11.62
CA PRO A 551 22.16 -35.77 -12.54
C PRO A 551 21.57 -34.40 -12.85
N SER A 552 20.26 -34.26 -12.79
CA SER A 552 19.68 -33.00 -13.29
C SER A 552 18.37 -32.62 -12.60
N LYS A 553 17.92 -31.36 -12.75
CA LYS A 553 16.73 -30.86 -12.10
C LYS A 553 15.99 -29.86 -12.98
N HIS A 554 14.67 -30.03 -13.09
CA HIS A 554 13.86 -29.06 -13.82
C HIS A 554 13.50 -27.88 -12.91
N VAL A 555 13.63 -26.68 -13.45
CA VAL A 555 13.13 -25.43 -12.81
C VAL A 555 12.17 -24.70 -13.78
N VAL A 556 11.19 -23.98 -13.22
CA VAL A 556 10.19 -23.27 -14.07
C VAL A 556 10.10 -21.81 -13.56
N MET A 557 10.10 -20.86 -14.48
CA MET A 557 9.86 -19.43 -14.10
C MET A 557 8.49 -19.00 -14.60
N HIS A 558 7.77 -18.21 -13.78
CA HIS A 558 6.51 -17.64 -14.20
C HIS A 558 6.68 -16.11 -14.37
N ASN A 559 6.04 -15.51 -15.40
CA ASN A 559 6.08 -14.08 -15.63
C ASN A 559 4.66 -13.53 -15.60
N THR A 560 4.28 -12.89 -14.48
CA THR A 560 2.87 -12.43 -14.31
C THR A 560 2.50 -11.20 -15.21
N LEU A 561 3.53 -10.50 -15.75
CA LEU A 561 3.32 -9.31 -16.60
C LEU A 561 2.94 -9.70 -18.06
N PRO A 562 2.09 -8.89 -18.75
CA PRO A 562 1.61 -9.23 -20.10
C PRO A 562 2.58 -8.81 -21.20
N HIS A 563 3.88 -9.00 -20.98
CA HIS A 563 4.84 -8.80 -22.06
C HIS A 563 5.97 -9.83 -21.89
N TRP A 564 6.55 -10.26 -22.98
CA TRP A 564 7.83 -11.03 -22.89
C TRP A 564 8.82 -10.39 -21.95
N ARG A 565 9.43 -11.19 -21.09
CA ARG A 565 10.40 -10.65 -20.16
C ARG A 565 11.62 -11.53 -19.98
N GLU A 566 12.77 -10.90 -19.92
CA GLU A 566 14.00 -11.59 -19.50
C GLU A 566 14.42 -11.03 -18.16
N GLN A 567 14.92 -11.90 -17.29
CA GLN A 567 15.42 -11.43 -16.01
C GLN A 567 16.44 -12.46 -15.49
N LEU A 568 17.55 -12.05 -14.87
CA LEU A 568 18.46 -13.10 -14.32
C LEU A 568 17.75 -13.73 -13.13
N VAL A 569 17.90 -15.04 -12.99
CA VAL A 569 17.37 -15.78 -11.84
C VAL A 569 18.52 -16.57 -11.24
N ASP A 570 18.51 -16.74 -9.92
CA ASP A 570 19.52 -17.57 -9.25
C ASP A 570 18.93 -18.72 -8.46
N PHE A 571 19.67 -19.79 -8.35
CA PHE A 571 19.29 -20.96 -7.52
C PHE A 571 20.49 -21.38 -6.71
N TYR A 572 20.28 -22.07 -5.60
CA TYR A 572 21.39 -22.72 -4.87
C TYR A 572 21.54 -24.15 -5.34
N VAL A 573 22.79 -24.58 -5.55
CA VAL A 573 23.11 -25.93 -6.02
C VAL A 573 24.28 -26.54 -5.23
N SER A 574 24.33 -27.86 -5.20
CA SER A 574 25.27 -28.58 -4.32
C SER A 574 26.65 -28.70 -4.96
N SER A 575 26.82 -28.22 -6.20
CA SER A 575 28.11 -28.29 -6.95
C SER A 575 28.32 -27.06 -7.81
N PRO A 576 29.58 -26.59 -7.94
CA PRO A 576 29.75 -25.46 -8.85
C PRO A 576 29.73 -25.87 -10.34
N PHE A 577 29.75 -27.17 -10.63
CA PHE A 577 29.94 -27.63 -12.00
C PHE A 577 28.54 -27.98 -12.56
N VAL A 578 27.79 -26.92 -12.83
CA VAL A 578 26.42 -27.03 -13.26
C VAL A 578 26.19 -26.20 -14.51
N SER A 579 25.46 -26.77 -15.45
CA SER A 579 25.17 -26.05 -16.68
C SER A 579 23.65 -25.99 -16.91
N VAL A 580 23.20 -25.07 -17.72
CA VAL A 580 21.78 -24.83 -17.89
C VAL A 580 21.40 -25.00 -19.33
N THR A 581 20.26 -25.64 -19.57
CA THR A 581 19.67 -25.72 -20.88
C THR A 581 18.18 -25.30 -20.80
N ASP A 582 17.62 -24.92 -21.94
CA ASP A 582 16.17 -24.77 -22.08
C ASP A 582 15.53 -26.10 -22.48
N LEU A 583 14.24 -26.12 -22.73
CA LEU A 583 13.67 -27.44 -22.98
C LEU A 583 13.84 -27.94 -24.42
N ALA A 584 14.48 -27.15 -25.25
CA ALA A 584 14.91 -27.63 -26.56
C ALA A 584 16.37 -28.07 -26.48
N ASN A 585 16.86 -28.13 -25.25
CA ASN A 585 18.20 -28.52 -24.92
C ASN A 585 19.26 -27.62 -25.49
N ASN A 586 18.88 -26.30 -25.79
CA ASN A 586 19.81 -25.21 -26.08
C ASN A 586 20.57 -24.77 -24.81
N PRO A 587 21.91 -24.77 -24.89
CA PRO A 587 22.72 -24.26 -23.78
C PRO A 587 22.30 -22.84 -23.50
N VAL A 588 22.30 -22.52 -22.22
CA VAL A 588 22.00 -21.19 -21.74
C VAL A 588 23.18 -20.72 -20.87
N GLU A 589 23.73 -19.53 -21.20
CA GLU A 589 24.89 -19.01 -20.47
C GLU A 589 24.57 -18.80 -18.97
N ALA A 590 25.45 -19.26 -18.10
CA ALA A 590 25.22 -19.24 -16.66
C ALA A 590 26.47 -18.71 -15.98
N GLN A 591 26.30 -18.28 -14.73
CA GLN A 591 27.42 -17.84 -13.94
C GLN A 591 27.27 -18.47 -12.55
N VAL A 592 28.38 -19.00 -11.99
CA VAL A 592 28.36 -19.54 -10.67
C VAL A 592 29.16 -18.62 -9.77
N SER A 593 28.58 -18.29 -8.61
CA SER A 593 29.20 -17.48 -7.54
C SER A 593 29.14 -18.25 -6.24
N PRO A 594 30.00 -17.86 -5.27
CA PRO A 594 29.81 -18.47 -3.94
C PRO A 594 28.49 -18.05 -3.23
N VAL A 595 28.12 -18.80 -2.18
CA VAL A 595 27.08 -18.36 -1.28
C VAL A 595 27.80 -17.68 -0.11
N TRP A 596 27.61 -16.36 0.00
CA TRP A 596 28.24 -15.53 1.05
C TRP A 596 27.20 -15.19 2.06
N SER A 597 27.54 -15.34 3.33
CA SER A 597 26.68 -14.83 4.37
C SER A 597 27.47 -14.00 5.33
N TRP A 598 26.80 -13.05 5.97
CA TRP A 598 27.51 -12.09 6.78
C TRP A 598 27.26 -12.37 8.23
N HIS A 599 28.26 -12.12 9.04
CA HIS A 599 28.24 -12.52 10.44
C HIS A 599 28.84 -11.44 11.29
N HIS A 600 28.19 -11.12 12.39
CA HIS A 600 28.84 -10.27 13.40
C HIS A 600 29.69 -11.18 14.20
N ASP A 601 30.99 -11.06 14.00
CA ASP A 601 31.91 -11.93 14.65
C ASP A 601 32.23 -11.32 16.05
N THR A 602 31.52 -11.77 17.08
CA THR A 602 31.70 -11.23 18.43
C THR A 602 33.04 -11.66 18.99
N LEU A 603 33.81 -12.37 18.19
CA LEU A 603 35.15 -12.73 18.57
C LEU A 603 36.16 -11.64 18.14
N THR A 604 36.19 -11.29 16.87
CA THR A 604 37.06 -10.25 16.35
C THR A 604 36.45 -8.84 16.34
N LYS A 605 35.19 -8.74 16.74
CA LYS A 605 34.42 -7.49 16.63
C LYS A 605 34.40 -6.86 15.23
N THR A 606 34.18 -7.69 14.23
CA THR A 606 34.00 -7.25 12.84
C THR A 606 32.70 -7.86 12.29
N ILE A 607 32.14 -7.23 11.26
CA ILE A 607 31.05 -7.81 10.47
C ILE A 607 31.74 -8.25 9.15
N HIS A 608 31.73 -9.55 8.90
CA HIS A 608 32.50 -10.04 7.77
C HIS A 608 31.82 -11.24 7.16
N PRO A 609 32.12 -11.54 5.90
CA PRO A 609 31.45 -12.61 5.12
C PRO A 609 32.11 -13.98 5.26
N GLN A 610 31.26 -15.02 5.33
CA GLN A 610 31.69 -16.43 5.34
C GLN A 610 31.20 -17.04 4.05
N GLY A 611 32.06 -17.82 3.41
CA GLY A 611 31.68 -18.46 2.16
C GLY A 611 31.25 -19.88 2.48
N SER A 612 30.11 -20.30 1.89
CA SER A 612 29.78 -21.75 1.94
C SER A 612 30.80 -22.66 1.29
N THR A 613 31.03 -23.79 1.95
CA THR A 613 31.88 -24.82 1.35
C THR A 613 31.04 -25.97 0.76
N THR A 614 29.70 -25.93 0.98
CA THR A 614 28.78 -27.07 0.65
C THR A 614 27.66 -26.70 -0.35
N LYS A 615 27.60 -25.39 -0.74
CA LYS A 615 26.52 -24.82 -1.60
C LYS A 615 27.07 -23.71 -2.54
N TYR A 616 26.53 -23.55 -3.76
CA TYR A 616 26.95 -22.43 -4.62
C TYR A 616 25.71 -21.84 -5.28
N ARG A 617 25.84 -20.67 -5.89
CA ARG A 617 24.74 -19.99 -6.57
C ARG A 617 24.96 -20.06 -8.06
N ILE A 618 23.97 -20.57 -8.81
CA ILE A 618 24.00 -20.44 -10.25
C ILE A 618 23.02 -19.38 -10.74
N ILE A 619 23.44 -18.61 -11.72
CA ILE A 619 22.67 -17.45 -12.21
C ILE A 619 22.55 -17.55 -13.73
N PHE A 620 21.36 -17.31 -14.29
CA PHE A 620 21.19 -17.29 -15.75
C PHE A 620 20.03 -16.45 -16.15
N LYS A 621 19.96 -16.09 -17.43
CA LYS A 621 18.88 -15.25 -17.89
C LYS A 621 17.67 -16.11 -18.29
N ALA A 622 16.55 -15.94 -17.60
CA ALA A 622 15.36 -16.66 -18.03
C ALA A 622 14.57 -15.77 -18.98
N ARG A 623 13.96 -16.38 -20.00
CA ARG A 623 13.15 -15.63 -20.93
C ARG A 623 11.75 -16.22 -20.91
N VAL A 624 10.77 -15.37 -20.58
CA VAL A 624 9.44 -15.94 -20.25
C VAL A 624 8.28 -15.25 -21.00
N PRO A 625 7.30 -16.03 -21.54
CA PRO A 625 6.26 -15.41 -22.34
C PRO A 625 5.36 -14.45 -21.52
N PRO A 626 4.55 -13.64 -22.21
CA PRO A 626 3.60 -12.75 -21.46
C PRO A 626 2.68 -13.67 -20.61
N MET A 627 2.51 -13.35 -19.32
CA MET A 627 1.58 -14.11 -18.42
C MET A 627 1.80 -15.61 -18.61
N GLY A 628 3.07 -16.02 -18.65
CA GLY A 628 3.39 -17.39 -19.09
C GLY A 628 4.47 -18.06 -18.25
N LEU A 629 4.94 -19.21 -18.76
CA LEU A 629 5.89 -20.06 -18.02
C LEU A 629 6.98 -20.54 -18.97
N ALA A 630 8.16 -20.77 -18.41
CA ALA A 630 9.24 -21.34 -19.20
C ALA A 630 10.09 -22.28 -18.33
N THR A 631 10.48 -23.45 -18.91
CA THR A 631 11.17 -24.51 -18.15
C THR A 631 12.66 -24.55 -18.58
N TYR A 632 13.53 -24.76 -17.60
CA TYR A 632 14.96 -24.91 -17.85
C TYR A 632 15.43 -26.13 -17.09
N VAL A 633 16.64 -26.66 -17.41
CA VAL A 633 17.16 -27.84 -16.72
C VAL A 633 18.59 -27.55 -16.23
N LEU A 634 18.90 -27.86 -14.95
CA LEU A 634 20.26 -27.72 -14.36
C LEU A 634 20.84 -29.11 -14.36
N THR A 635 22.03 -29.27 -14.95
CA THR A 635 22.65 -30.59 -15.02
C THR A 635 24.09 -30.50 -14.46
N ILE A 636 24.43 -31.48 -13.64
CA ILE A 636 25.78 -31.51 -13.03
C ILE A 636 26.79 -32.08 -14.05
N SER A 637 28.06 -31.68 -13.92
CA SER A 637 29.13 -32.39 -14.66
C SER A 637 30.30 -32.56 -13.73
N ASP A 638 31.37 -33.21 -14.19
CA ASP A 638 32.48 -33.40 -13.24
C ASP A 638 33.57 -32.35 -13.38
N SER A 639 33.45 -31.45 -14.36
CA SER A 639 34.45 -30.39 -14.51
C SER A 639 33.74 -29.11 -14.96
N LYS A 640 34.50 -27.98 -15.10
CA LYS A 640 33.90 -26.72 -15.63
C LYS A 640 33.05 -27.02 -16.88
N PRO A 641 31.75 -26.72 -16.82
CA PRO A 641 30.95 -26.82 -18.05
C PRO A 641 31.29 -25.73 -19.08
N GLU A 642 31.20 -26.00 -20.39
CA GLU A 642 31.46 -24.96 -21.43
C GLU A 642 30.75 -23.61 -21.28
N HIS A 643 29.46 -23.63 -20.92
CA HIS A 643 28.67 -22.38 -20.90
C HIS A 643 28.41 -21.81 -19.51
N THR A 644 29.21 -22.24 -18.55
CA THR A 644 29.16 -21.68 -17.20
C THR A 644 30.47 -21.00 -16.82
N SER A 645 30.41 -19.72 -16.41
CA SER A 645 31.57 -18.96 -15.93
C SER A 645 31.59 -18.87 -14.40
N TYR A 646 32.72 -18.48 -13.83
CA TYR A 646 32.83 -18.37 -12.37
C TYR A 646 33.23 -16.95 -11.97
N ALA A 647 32.51 -16.34 -11.00
CA ALA A 647 32.83 -15.02 -10.59
C ALA A 647 34.20 -14.99 -9.84
N SER A 648 34.96 -13.90 -9.97
CA SER A 648 36.11 -13.73 -9.09
C SER A 648 35.63 -13.01 -7.79
N ASN A 649 36.32 -13.20 -6.67
CA ASN A 649 35.92 -12.58 -5.39
C ASN A 649 37.12 -11.95 -4.69
N LEU A 650 36.88 -10.73 -4.21
CA LEU A 650 37.94 -9.90 -3.63
C LEU A 650 37.40 -9.36 -2.33
N LEU A 651 38.10 -9.67 -1.25
CA LEU A 651 37.75 -9.26 0.08
C LEU A 651 38.71 -8.15 0.52
N LEU A 652 38.18 -6.95 0.70
CA LEU A 652 38.99 -5.82 1.03
C LEU A 652 38.89 -5.54 2.51
N ARG A 653 40.00 -5.72 3.21
CA ARG A 653 40.04 -5.47 4.63
C ARG A 653 41.45 -5.56 5.14
N LYS A 654 41.73 -4.83 6.19
CA LYS A 654 42.99 -4.98 6.85
C LYS A 654 42.99 -6.28 7.67
N ASN A 655 44.16 -6.90 7.73
N ASN A 655 44.17 -6.87 7.79
CA ASN A 655 44.35 -8.12 8.47
CA ASN A 655 44.37 -8.16 8.47
C ASN A 655 43.46 -9.27 7.96
C ASN A 655 43.47 -9.28 7.95
N PRO A 656 43.62 -9.66 6.69
CA PRO A 656 42.72 -10.67 6.17
C PRO A 656 43.08 -12.05 6.70
N THR A 657 42.10 -12.93 6.71
CA THR A 657 42.35 -14.35 6.92
C THR A 657 41.76 -15.07 5.71
N SER A 658 42.21 -16.28 5.46
CA SER A 658 41.78 -17.07 4.33
C SER A 658 40.23 -17.33 4.29
N LEU A 659 39.75 -17.62 3.08
CA LEU A 659 38.30 -17.85 2.83
C LEU A 659 38.16 -18.99 1.85
N PRO A 660 38.19 -20.22 2.37
CA PRO A 660 38.05 -21.40 1.51
C PRO A 660 36.58 -21.57 1.08
N LEU A 661 36.41 -22.11 -0.10
CA LEU A 661 35.08 -22.21 -0.74
C LEU A 661 34.71 -23.63 -1.19
N GLY A 662 35.01 -24.65 -0.36
CA GLY A 662 34.87 -26.07 -0.82
C GLY A 662 35.40 -26.30 -2.24
N GLN A 663 34.55 -26.70 -3.19
CA GLN A 663 34.97 -26.96 -4.59
C GLN A 663 35.08 -25.77 -5.56
N TYR A 664 34.69 -24.59 -5.10
CA TYR A 664 34.64 -23.43 -6.01
C TYR A 664 35.97 -23.23 -6.78
N PRO A 665 35.95 -23.18 -8.11
CA PRO A 665 37.26 -23.24 -8.82
C PRO A 665 38.20 -22.02 -8.79
N GLU A 666 37.89 -21.01 -7.99
CA GLU A 666 38.60 -19.73 -8.10
C GLU A 666 38.87 -19.26 -6.73
N ASP A 667 40.17 -19.06 -6.44
CA ASP A 667 40.57 -18.66 -5.09
C ASP A 667 40.14 -17.17 -4.81
N VAL A 668 39.70 -16.90 -3.60
CA VAL A 668 39.39 -15.54 -3.22
C VAL A 668 40.70 -14.75 -3.11
N LYS A 669 40.65 -13.56 -3.49
CA LYS A 669 41.79 -12.63 -3.34
C LYS A 669 41.50 -11.61 -2.24
N PHE A 670 42.59 -10.96 -1.67
CA PHE A 670 42.54 -10.07 -0.52
C PHE A 670 43.29 -8.76 -0.86
N GLY A 671 42.92 -7.67 -0.20
CA GLY A 671 43.62 -6.38 -0.45
C GLY A 671 43.23 -5.45 0.70
N ASP A 672 43.98 -4.37 0.90
CA ASP A 672 43.53 -3.37 1.82
C ASP A 672 42.36 -2.61 1.16
N PRO A 673 41.50 -1.97 1.96
CA PRO A 673 40.36 -1.15 1.43
C PRO A 673 40.87 -0.13 0.43
N ARG A 674 40.16 0.04 -0.66
CA ARG A 674 40.56 0.95 -1.71
C ARG A 674 39.31 1.28 -2.60
N GLU A 675 39.34 2.38 -3.34
CA GLU A 675 38.27 2.64 -4.29
C GLU A 675 38.29 1.61 -5.39
N ILE A 676 37.11 1.18 -5.82
CA ILE A 676 36.99 0.24 -6.93
C ILE A 676 35.92 0.72 -7.93
N SER A 677 35.88 0.24 -9.17
CA SER A 677 34.86 0.53 -10.15
C SER A 677 34.51 -0.76 -10.89
N LEU A 678 33.36 -0.85 -11.32
CA LEU A 678 32.80 -2.05 -11.92
C LEU A 678 31.89 -1.70 -13.07
N ARG A 679 31.87 -2.59 -14.06
CA ARG A 679 31.04 -2.49 -15.24
C ARG A 679 30.55 -3.88 -15.73
N VAL A 680 29.24 -4.10 -15.72
CA VAL A 680 28.67 -5.31 -16.27
C VAL A 680 28.04 -5.01 -17.62
N GLY A 681 28.32 -5.89 -18.59
CA GLY A 681 27.88 -5.72 -19.98
C GLY A 681 28.23 -4.33 -20.52
N ASN A 682 27.26 -3.78 -21.23
CA ASN A 682 27.30 -2.41 -21.75
C ASN A 682 26.79 -1.42 -20.75
N GLY A 683 26.38 -1.90 -19.57
CA GLY A 683 25.62 -1.09 -18.60
C GLY A 683 26.44 0.09 -18.11
N PRO A 684 25.96 0.80 -17.06
CA PRO A 684 26.81 1.86 -16.54
C PRO A 684 28.06 1.30 -15.82
N THR A 685 28.98 2.20 -15.57
CA THR A 685 30.17 1.93 -14.79
C THR A 685 29.99 2.63 -13.44
N LEU A 686 30.18 1.87 -12.37
CA LEU A 686 29.89 2.41 -11.05
C LEU A 686 31.18 2.44 -10.25
N ALA A 687 31.39 3.54 -9.59
CA ALA A 687 32.54 3.63 -8.74
C ALA A 687 32.16 3.72 -7.26
N PHE A 688 33.01 3.10 -6.44
CA PHE A 688 32.76 2.91 -5.02
C PHE A 688 33.93 3.41 -4.16
N SER A 689 33.56 4.01 -3.04
CA SER A 689 34.53 4.47 -2.06
C SER A 689 35.23 3.24 -1.40
N GLU A 690 36.30 3.52 -0.65
CA GLU A 690 36.99 2.44 0.04
C GLU A 690 36.15 1.87 1.18
N GLN A 691 35.03 2.53 1.53
CA GLN A 691 34.07 1.89 2.48
C GLN A 691 32.92 1.11 1.78
N GLY A 692 33.04 0.90 0.48
CA GLY A 692 32.10 0.00 -0.24
C GLY A 692 30.77 0.68 -0.58
N LEU A 693 30.76 2.02 -0.62
CA LEU A 693 29.52 2.79 -0.97
C LEU A 693 29.67 3.47 -2.29
N LEU A 694 28.59 3.50 -3.05
CA LEU A 694 28.62 4.17 -4.31
C LEU A 694 29.09 5.66 -4.18
N LYS A 695 29.91 6.06 -5.15
CA LYS A 695 30.38 7.46 -5.30
C LYS A 695 30.01 8.09 -6.60
N SER A 696 29.88 7.30 -7.66
CA SER A 696 29.55 7.89 -8.95
C SER A 696 29.06 6.85 -9.92
N ILE A 697 28.31 7.33 -10.92
CA ILE A 697 27.77 6.52 -12.02
C ILE A 697 28.14 7.15 -13.35
N GLN A 698 28.65 6.32 -14.24
CA GLN A 698 28.97 6.74 -15.58
C GLN A 698 28.15 5.98 -16.55
N LEU A 699 27.28 6.71 -17.22
CA LEU A 699 26.28 6.10 -18.07
C LEU A 699 26.82 5.39 -19.29
N THR A 700 27.78 6.02 -19.95
CA THR A 700 28.29 5.46 -21.20
C THR A 700 29.79 5.63 -21.21
N GLN A 701 30.47 4.91 -22.08
CA GLN A 701 31.92 5.01 -22.22
C GLN A 701 32.42 6.44 -22.15
N ASP A 702 31.88 7.29 -23.02
CA ASP A 702 32.29 8.70 -23.20
C ASP A 702 31.79 9.67 -22.12
N SER A 703 30.63 9.38 -21.53
CA SER A 703 29.95 10.29 -20.61
C SER A 703 30.73 10.54 -19.30
N PRO A 704 30.38 11.63 -18.58
CA PRO A 704 30.96 11.98 -17.29
C PRO A 704 30.66 10.96 -16.17
N HIS A 705 31.49 10.98 -15.14
CA HIS A 705 31.24 10.22 -13.90
C HIS A 705 30.40 11.14 -13.02
N VAL A 706 29.09 10.91 -13.00
CA VAL A 706 28.15 11.72 -12.25
C VAL A 706 28.20 11.37 -10.79
N PRO A 707 28.53 12.33 -9.89
CA PRO A 707 28.57 12.05 -8.46
C PRO A 707 27.22 11.58 -7.91
N VAL A 708 27.21 10.40 -7.30
CA VAL A 708 25.96 9.82 -6.72
C VAL A 708 26.51 9.08 -5.48
N HIS A 709 26.34 9.65 -4.31
CA HIS A 709 26.98 9.14 -3.10
CA HIS A 709 26.97 9.05 -3.12
C HIS A 709 25.94 8.53 -2.13
N PHE A 710 26.06 7.24 -1.81
CA PHE A 710 25.27 6.63 -0.74
C PHE A 710 25.89 6.96 0.62
N LYS A 711 25.07 7.25 1.63
CA LYS A 711 25.56 7.51 2.95
C LYS A 711 24.50 7.04 3.97
N PHE A 712 24.92 6.49 5.09
CA PHE A 712 23.97 6.09 6.14
C PHE A 712 24.07 7.02 7.32
N LEU A 713 22.93 7.54 7.81
CA LEU A 713 22.93 8.46 8.94
C LEU A 713 21.89 8.01 9.96
N LYS A 714 21.89 8.59 11.16
CA LYS A 714 20.88 8.27 12.17
C LYS A 714 20.23 9.52 12.75
N TYR A 715 18.93 9.39 12.99
CA TYR A 715 18.17 10.39 13.72
C TYR A 715 18.03 9.88 15.14
N GLY A 716 17.99 10.77 16.12
CA GLY A 716 17.68 10.41 17.48
C GLY A 716 16.31 10.89 17.89
N VAL A 717 16.11 10.94 19.20
CA VAL A 717 14.84 11.30 19.79
C VAL A 717 15.05 12.48 20.73
N ARG A 718 14.06 13.33 20.93
CA ARG A 718 14.20 14.47 21.86
C ARG A 718 14.25 14.06 23.33
N SER A 719 15.11 14.69 24.13
CA SER A 719 15.16 14.36 25.58
C SER A 719 14.09 15.11 26.42
N HIS A 720 13.69 16.30 26.00
CA HIS A 720 12.45 16.89 26.55
C HIS A 720 11.41 17.22 25.47
N GLY A 721 10.16 17.40 25.87
CA GLY A 721 9.12 17.58 24.88
C GLY A 721 8.76 16.22 24.26
N ASP A 722 8.08 16.25 23.12
CA ASP A 722 7.42 15.07 22.63
C ASP A 722 8.42 14.05 22.10
N ARG A 723 8.12 12.79 22.34
CA ARG A 723 8.95 11.68 21.91
C ARG A 723 8.36 10.97 20.68
N SER A 724 9.23 10.65 19.74
CA SER A 724 8.89 9.82 18.60
C SER A 724 8.34 8.49 19.12
N GLY A 725 7.44 7.91 18.35
CA GLY A 725 6.86 6.62 18.66
C GLY A 725 6.44 5.94 17.36
N ALA A 726 5.56 4.93 17.44
CA ALA A 726 5.16 4.23 16.19
C ALA A 726 4.53 5.18 15.14
N TYR A 727 3.89 6.28 15.60
CA TYR A 727 3.18 7.18 14.66
C TYR A 727 4.02 8.36 14.33
N LEU A 728 4.51 9.01 15.41
CA LEU A 728 5.17 10.32 15.29
C LEU A 728 6.66 10.22 15.03
N PHE A 729 7.13 11.03 14.07
CA PHE A 729 8.58 11.23 13.85
C PHE A 729 8.95 12.63 14.43
N LEU A 730 9.72 12.63 15.52
CA LEU A 730 10.09 13.88 16.22
C LEU A 730 11.62 13.93 16.43
N PRO A 731 12.36 14.16 15.36
CA PRO A 731 13.83 13.98 15.50
C PRO A 731 14.40 15.11 16.38
N ASN A 732 15.53 14.81 17.04
CA ASN A 732 16.33 15.81 17.74
C ASN A 732 17.34 16.39 16.77
N GLY A 733 16.86 16.90 15.65
CA GLY A 733 17.73 17.66 14.75
C GLY A 733 18.02 16.86 13.50
N PRO A 734 18.70 17.46 12.55
CA PRO A 734 19.14 16.72 11.39
C PRO A 734 19.91 15.47 11.78
N ALA A 735 19.91 14.49 10.87
CA ALA A 735 20.57 13.19 11.10
C ALA A 735 22.12 13.40 11.18
N SER A 736 22.82 12.51 11.89
CA SER A 736 24.31 12.56 12.00
C SER A 736 24.84 11.28 11.34
N PRO A 737 26.00 11.36 10.71
CA PRO A 737 26.53 10.18 10.03
C PRO A 737 26.79 8.99 10.94
N VAL A 738 26.34 7.78 10.52
CA VAL A 738 26.76 6.54 11.17
C VAL A 738 28.31 6.45 11.10
N GLU A 739 28.96 6.25 12.24
CA GLU A 739 30.40 6.04 12.22
C GLU A 739 30.71 4.63 11.71
N LEU A 740 31.42 4.57 10.59
CA LEU A 740 31.62 3.35 9.82
C LEU A 740 32.86 2.52 10.20
N GLY A 741 33.87 3.18 10.80
CA GLY A 741 35.07 2.48 11.25
C GLY A 741 35.81 2.06 10.00
N GLN A 742 36.32 0.84 10.00
CA GLN A 742 36.95 0.26 8.82
C GLN A 742 36.22 -1.02 8.35
N PRO A 743 35.09 -0.84 7.67
CA PRO A 743 34.23 -1.97 7.30
C PRO A 743 34.88 -2.92 6.30
N VAL A 744 34.45 -4.17 6.32
CA VAL A 744 34.90 -5.17 5.39
C VAL A 744 34.06 -5.10 4.12
N VAL A 745 34.74 -5.05 2.98
CA VAL A 745 34.07 -4.94 1.68
C VAL A 745 34.31 -6.18 0.83
N LEU A 746 33.23 -6.77 0.32
CA LEU A 746 33.35 -7.91 -0.58
C LEU A 746 32.94 -7.51 -2.00
N VAL A 747 33.85 -7.72 -2.92
CA VAL A 747 33.61 -7.46 -4.35
C VAL A 747 33.49 -8.77 -5.10
N THR A 748 32.36 -9.00 -5.76
CA THR A 748 32.24 -10.19 -6.58
C THR A 748 32.07 -9.74 -8.02
N LYS A 749 32.91 -10.24 -8.94
CA LYS A 749 32.87 -9.77 -10.33
C LYS A 749 32.58 -10.91 -11.26
N GLY A 750 31.47 -10.82 -11.99
CA GLY A 750 31.07 -11.85 -12.94
C GLY A 750 30.64 -11.28 -14.28
N LYS A 751 30.52 -12.15 -15.27
CA LYS A 751 30.20 -11.71 -16.62
C LYS A 751 28.71 -11.27 -16.65
N LEU A 752 27.89 -11.96 -15.87
CA LEU A 752 26.41 -11.70 -15.79
C LEU A 752 25.96 -10.81 -14.64
N GLU A 753 26.65 -10.90 -13.51
CA GLU A 753 26.31 -10.18 -12.31
C GLU A 753 27.57 -9.88 -11.44
N SER A 754 27.75 -8.62 -11.06
CA SER A 754 28.79 -8.28 -10.10
C SER A 754 28.15 -7.56 -8.95
N SER A 755 28.85 -7.48 -7.83
CA SER A 755 28.29 -6.72 -6.70
C SER A 755 29.36 -6.25 -5.74
N VAL A 756 29.05 -5.22 -4.99
CA VAL A 756 29.88 -4.78 -3.86
C VAL A 756 29.00 -4.80 -2.65
N SER A 757 29.45 -5.53 -1.63
CA SER A 757 28.78 -5.65 -0.34
C SER A 757 29.66 -5.20 0.81
N VAL A 758 29.08 -4.48 1.77
CA VAL A 758 29.85 -3.97 2.87
C VAL A 758 29.12 -4.15 4.19
N GLY A 759 29.86 -4.61 5.20
CA GLY A 759 29.26 -4.82 6.51
C GLY A 759 29.36 -3.57 7.36
N LEU A 760 28.28 -2.78 7.46
CA LEU A 760 28.24 -1.48 8.20
C LEU A 760 27.51 -1.74 9.48
N PRO A 761 27.70 -0.89 10.52
CA PRO A 761 26.89 -1.13 11.75
C PRO A 761 25.37 -1.00 11.43
N SER A 762 24.65 -2.07 11.78
CA SER A 762 23.20 -2.20 11.57
C SER A 762 22.79 -2.51 10.14
N VAL A 763 23.71 -2.51 9.19
CA VAL A 763 23.29 -2.71 7.78
C VAL A 763 24.34 -3.42 6.94
N VAL A 764 23.96 -4.50 6.28
CA VAL A 764 24.77 -5.05 5.22
C VAL A 764 24.20 -4.48 3.93
N HIS A 765 25.02 -3.60 3.32
CA HIS A 765 24.63 -2.78 2.16
C HIS A 765 25.23 -3.41 0.93
N GLN A 766 24.41 -3.70 -0.09
CA GLN A 766 24.85 -4.39 -1.30
CA GLN A 766 24.89 -4.33 -1.31
C GLN A 766 24.38 -3.63 -2.55
N THR A 767 25.30 -3.47 -3.52
CA THR A 767 25.00 -2.87 -4.82
C THR A 767 25.24 -3.95 -5.87
N ILE A 768 24.19 -4.32 -6.57
CA ILE A 768 24.24 -5.39 -7.55
C ILE A 768 24.08 -4.88 -8.95
N MET A 769 24.93 -5.32 -9.86
CA MET A 769 25.00 -4.89 -11.24
C MET A 769 24.76 -6.04 -12.19
N ARG A 770 23.73 -5.87 -13.03
CA ARG A 770 23.44 -6.89 -14.06
C ARG A 770 23.42 -6.31 -15.46
N GLY A 771 23.94 -5.11 -15.60
CA GLY A 771 24.02 -4.48 -16.89
C GLY A 771 23.05 -3.35 -17.16
N GLY A 772 22.11 -3.07 -16.25
CA GLY A 772 21.32 -1.84 -16.34
C GLY A 772 21.40 -1.10 -15.04
N ALA A 773 20.31 -0.44 -14.63
CA ALA A 773 20.29 0.24 -13.33
C ALA A 773 20.61 -0.76 -12.21
N PRO A 774 21.47 -0.37 -11.27
CA PRO A 774 21.83 -1.33 -10.21
C PRO A 774 20.64 -1.65 -9.30
N GLU A 775 20.75 -2.77 -8.60
CA GLU A 775 19.84 -3.14 -7.56
C GLU A 775 20.58 -2.89 -6.23
N ILE A 776 19.88 -2.33 -5.25
CA ILE A 776 20.43 -2.15 -3.92
C ILE A 776 19.66 -3.03 -2.96
N ARG A 777 20.39 -3.78 -2.14
CA ARG A 777 19.79 -4.56 -1.04
C ARG A 777 20.42 -4.16 0.29
N ASN A 778 19.59 -3.85 1.30
CA ASN A 778 20.10 -3.57 2.63
C ASN A 778 19.53 -4.63 3.59
N LEU A 779 20.40 -5.37 4.27
CA LEU A 779 19.97 -6.26 5.36
C LEU A 779 20.10 -5.42 6.58
N VAL A 780 18.93 -4.98 7.08
CA VAL A 780 18.84 -3.98 8.14
C VAL A 780 18.55 -4.66 9.48
N ASP A 781 19.56 -4.59 10.35
CA ASP A 781 19.36 -5.11 11.75
C ASP A 781 19.77 -4.07 12.74
N ILE A 782 18.81 -3.29 13.20
CA ILE A 782 19.01 -2.11 14.09
C ILE A 782 19.41 -2.59 15.50
N GLY A 783 19.29 -3.89 15.73
CA GLY A 783 19.79 -4.46 16.97
C GLY A 783 19.19 -3.84 18.21
N SER A 784 20.02 -3.49 19.19
CA SER A 784 19.47 -2.92 20.44
C SER A 784 19.71 -1.38 20.51
N LEU A 785 19.86 -0.74 19.34
CA LEU A 785 20.10 0.72 19.30
C LEU A 785 18.82 1.51 19.57
N ASP A 786 18.48 1.65 20.84
CA ASP A 786 17.22 2.35 21.21
C ASP A 786 17.25 3.81 20.77
N ASN A 787 16.08 4.33 20.45
CA ASN A 787 15.93 5.74 20.02
C ASN A 787 16.80 6.16 18.86
N THR A 788 16.82 5.31 17.86
CA THR A 788 17.62 5.53 16.67
C THR A 788 16.70 5.27 15.48
N GLU A 789 16.83 6.12 14.47
CA GLU A 789 16.21 5.84 13.15
C GLU A 789 17.33 5.87 12.13
N ILE A 790 17.50 4.79 11.39
CA ILE A 790 18.56 4.69 10.39
C ILE A 790 18.02 5.13 9.04
N VAL A 791 18.69 6.08 8.43
CA VAL A 791 18.30 6.60 7.10
C VAL A 791 19.39 6.31 6.08
N MET A 792 18.96 6.00 4.87
CA MET A 792 19.91 5.88 3.75
C MET A 792 19.68 7.13 2.86
N ARG A 793 20.76 7.88 2.59
CA ARG A 793 20.70 9.12 1.82
C ARG A 793 21.54 9.02 0.57
N LEU A 794 21.04 9.63 -0.47
CA LEU A 794 21.81 9.84 -1.70
C LEU A 794 22.16 11.31 -1.83
N GLU A 795 23.46 11.59 -1.98
CA GLU A 795 23.95 12.94 -2.28
C GLU A 795 24.37 13.14 -3.75
N THR A 796 23.79 14.12 -4.43
CA THR A 796 24.09 14.33 -5.87
C THR A 796 24.29 15.81 -6.16
N HIS A 797 24.56 16.14 -7.41
CA HIS A 797 24.70 17.55 -7.84
C HIS A 797 23.56 17.99 -8.68
N ILE A 798 22.45 17.27 -8.54
CA ILE A 798 21.27 17.58 -9.36
C ILE A 798 20.67 18.86 -8.78
N ASP A 799 20.40 19.87 -9.62
CA ASP A 799 19.94 21.13 -9.10
C ASP A 799 18.39 21.11 -8.95
N SER A 800 17.89 20.33 -7.99
CA SER A 800 16.49 20.11 -7.82
C SER A 800 15.85 21.21 -6.98
N GLY A 801 16.65 21.94 -6.19
CA GLY A 801 16.16 23.04 -5.38
C GLY A 801 15.38 22.54 -4.22
N ASP A 802 14.11 22.92 -4.19
CA ASP A 802 13.18 22.43 -3.15
C ASP A 802 12.09 21.44 -3.67
N ILE A 803 12.25 20.92 -4.89
CA ILE A 803 11.27 20.03 -5.55
C ILE A 803 11.73 18.57 -5.45
N PHE A 804 10.77 17.65 -5.29
CA PHE A 804 11.08 16.23 -5.41
C PHE A 804 9.72 15.55 -5.66
N TYR A 805 9.76 14.32 -6.03
CA TYR A 805 8.54 13.60 -6.43
C TYR A 805 8.49 12.30 -5.61
N THR A 806 7.28 11.99 -5.08
CA THR A 806 7.10 10.68 -4.40
C THR A 806 5.83 10.09 -5.01
N ASP A 807 5.65 8.77 -4.90
CA ASP A 807 4.38 8.18 -5.39
C ASP A 807 3.25 8.05 -4.35
N LEU A 808 2.04 7.87 -4.86
CA LEU A 808 0.85 7.63 -4.00
C LEU A 808 0.44 6.26 -4.41
N ASN A 809 0.57 5.30 -3.46
CA ASN A 809 0.01 3.92 -3.58
C ASN A 809 0.49 3.19 -4.81
N GLY A 810 1.68 3.50 -5.28
CA GLY A 810 2.15 2.81 -6.47
C GLY A 810 1.37 3.13 -7.75
N LEU A 811 0.62 4.21 -7.74
CA LEU A 811 -0.28 4.50 -8.88
C LEU A 811 0.16 5.77 -9.62
N GLN A 812 0.73 6.75 -8.93
CA GLN A 812 0.95 8.08 -9.60
C GLN A 812 2.04 8.76 -8.85
N PHE A 813 2.76 9.64 -9.53
CA PHE A 813 3.78 10.43 -8.86
C PHE A 813 3.35 11.89 -8.68
N ILE A 814 3.54 12.37 -7.49
CA ILE A 814 3.02 13.70 -7.14
C ILE A 814 4.20 14.62 -6.83
N LYS A 815 4.12 15.87 -7.29
CA LYS A 815 5.19 16.85 -7.05
C LYS A 815 5.12 17.30 -5.57
N ARG A 816 6.28 17.29 -4.92
CA ARG A 816 6.43 17.75 -3.56
C ARG A 816 7.29 19.02 -3.53
N ARG A 817 7.01 19.93 -2.61
CA ARG A 817 7.92 21.06 -2.42
C ARG A 817 8.36 21.05 -0.95
N ARG A 818 9.65 20.96 -0.72
N ARG A 818 9.65 20.96 -0.72
CA ARG A 818 10.18 21.07 0.61
CA ARG A 818 10.21 21.07 0.61
C ARG A 818 9.95 22.49 1.11
C ARG A 818 9.96 22.49 1.11
N LEU A 819 9.36 22.63 2.28
CA LEU A 819 9.06 23.97 2.85
C LEU A 819 9.82 24.24 4.16
N ASP A 820 10.70 25.26 4.15
CA ASP A 820 11.42 25.51 5.41
C ASP A 820 10.56 26.09 6.52
N LYS A 821 9.35 26.56 6.19
CA LYS A 821 8.40 27.01 7.22
C LYS A 821 7.80 25.82 7.98
N LEU A 822 8.07 24.60 7.50
CA LEU A 822 7.60 23.40 8.20
C LEU A 822 8.79 22.64 8.81
N PRO A 823 8.58 21.94 9.94
CA PRO A 823 9.74 21.24 10.54
C PRO A 823 10.19 20.04 9.68
N LEU A 824 11.38 19.49 9.96
CA LEU A 824 11.94 18.38 9.14
C LEU A 824 10.86 17.24 8.93
N GLN A 825 10.22 16.83 9.99
CA GLN A 825 9.32 15.63 9.97
C GLN A 825 8.07 15.87 9.07
N ALA A 826 7.74 17.14 8.86
CA ALA A 826 6.62 17.48 7.99
C ALA A 826 7.00 17.38 6.52
N ASN A 827 8.29 17.46 6.23
CA ASN A 827 8.78 17.31 4.86
C ASN A 827 9.07 15.86 4.44
N TYR A 828 8.79 14.95 5.40
CA TYR A 828 8.76 13.48 5.19
C TYR A 828 7.42 13.11 4.54
N TYR A 829 7.48 12.23 3.53
CA TYR A 829 6.28 11.79 2.81
C TYR A 829 6.35 10.29 2.64
N PRO A 830 5.22 9.65 2.37
CA PRO A 830 5.26 8.21 2.09
C PRO A 830 6.04 7.94 0.81
N ILE A 831 6.86 6.90 0.83
CA ILE A 831 7.53 6.43 -0.37
C ILE A 831 7.03 4.99 -0.59
N PRO A 832 5.79 4.89 -1.01
CA PRO A 832 5.16 3.58 -1.17
C PRO A 832 5.85 2.72 -2.24
N SER A 833 6.42 3.35 -3.26
CA SER A 833 7.14 2.60 -4.28
C SER A 833 8.28 3.29 -5.04
N GLY A 834 8.36 4.62 -4.95
CA GLY A 834 9.43 5.32 -5.61
C GLY A 834 9.47 6.81 -5.33
N MET A 835 10.62 7.39 -5.63
CA MET A 835 10.87 8.82 -5.51
C MET A 835 11.95 9.26 -6.48
N PHE A 836 11.89 10.51 -6.91
CA PHE A 836 12.90 11.07 -7.79
C PHE A 836 13.17 12.57 -7.61
N ILE A 837 14.34 13.00 -8.05
CA ILE A 837 14.65 14.40 -8.18
C ILE A 837 15.18 14.67 -9.58
N GLU A 838 14.95 15.87 -10.09
CA GLU A 838 15.50 16.15 -11.41
C GLU A 838 15.84 17.63 -11.57
N ASP A 839 16.73 17.93 -12.55
CA ASP A 839 16.83 19.33 -12.99
C ASP A 839 16.57 19.36 -14.46
N ALA A 840 17.07 20.36 -15.19
CA ALA A 840 16.81 20.40 -16.63
C ALA A 840 17.37 19.22 -17.36
N ASN A 841 18.49 18.68 -16.87
CA ASN A 841 19.26 17.67 -17.64
C ASN A 841 19.28 16.26 -17.06
N THR A 842 19.22 16.16 -15.73
CA THR A 842 19.47 14.87 -15.06
C THR A 842 18.40 14.55 -14.04
N ARG A 843 18.04 13.26 -13.99
CA ARG A 843 17.11 12.73 -12.95
C ARG A 843 17.76 11.53 -12.23
N LEU A 844 17.45 11.42 -10.94
CA LEU A 844 17.80 10.22 -10.21
C LEU A 844 16.50 9.68 -9.64
N THR A 845 16.19 8.42 -9.98
CA THR A 845 14.95 7.79 -9.41
C THR A 845 15.37 6.61 -8.53
N LEU A 846 14.79 6.51 -7.32
CA LEU A 846 14.98 5.38 -6.44
C LEU A 846 13.66 4.66 -6.29
N LEU A 847 13.62 3.42 -6.75
CA LEU A 847 12.37 2.62 -6.71
C LEU A 847 12.52 1.64 -5.55
N THR A 848 11.42 1.30 -4.87
CA THR A 848 11.52 0.47 -3.65
C THR A 848 10.64 -0.79 -3.75
N GLY A 849 11.01 -1.81 -2.99
CA GLY A 849 10.30 -3.09 -2.95
C GLY A 849 9.41 -3.13 -1.70
N GLN A 850 9.26 -1.99 -1.05
CA GLN A 850 8.55 -1.90 0.24
C GLN A 850 8.25 -0.43 0.53
N PRO A 851 7.12 -0.13 1.21
CA PRO A 851 6.87 1.29 1.59
C PRO A 851 7.74 1.72 2.78
N LEU A 852 8.36 2.90 2.65
CA LEU A 852 9.16 3.50 3.73
C LEU A 852 8.89 5.02 3.71
N GLY A 853 9.35 5.76 4.70
CA GLY A 853 9.19 7.20 4.67
C GLY A 853 10.43 7.86 4.08
N GLY A 854 10.32 9.03 3.47
CA GLY A 854 11.50 9.65 2.88
C GLY A 854 11.33 11.11 2.52
N SER A 855 12.35 11.75 1.97
CA SER A 855 12.21 13.19 1.70
C SER A 855 13.40 13.56 0.84
N SER A 856 13.45 14.85 0.50
CA SER A 856 14.66 15.45 -0.08
C SER A 856 14.89 16.72 0.71
N LEU A 857 15.79 16.66 1.70
CA LEU A 857 15.93 17.73 2.68
C LEU A 857 16.85 18.85 2.22
N ALA A 858 17.49 18.64 1.07
CA ALA A 858 18.34 19.65 0.43
C ALA A 858 18.48 19.31 -1.04
N SER A 859 18.68 20.35 -1.84
CA SER A 859 18.85 20.25 -3.29
C SER A 859 19.84 19.14 -3.57
N GLY A 860 19.47 18.25 -4.49
CA GLY A 860 20.31 17.15 -4.93
C GLY A 860 20.27 15.92 -4.03
N GLU A 861 19.48 15.96 -2.96
CA GLU A 861 19.42 14.80 -2.08
C GLU A 861 18.15 13.98 -2.23
N LEU A 862 18.29 12.68 -1.93
CA LEU A 862 17.11 11.87 -1.64
C LEU A 862 17.42 11.08 -0.41
N GLU A 863 16.43 10.84 0.44
CA GLU A 863 16.67 9.93 1.57
C GLU A 863 15.46 9.14 1.98
N ILE A 864 15.73 7.99 2.56
CA ILE A 864 14.63 7.03 2.84
C ILE A 864 14.99 6.23 4.07
N MET A 865 14.07 6.24 5.03
CA MET A 865 14.32 5.62 6.33
C MET A 865 14.27 4.08 6.22
N GLN A 866 15.20 3.41 6.89
CA GLN A 866 15.34 1.91 6.81
C GLN A 866 14.66 1.23 7.96
N ASP A 867 14.88 1.71 9.18
CA ASP A 867 14.18 1.18 10.35
C ASP A 867 14.26 2.17 11.49
N ARG A 868 13.47 1.94 12.52
CA ARG A 868 13.44 2.88 13.64
C ARG A 868 13.10 2.08 14.89
N ARG A 869 13.83 2.38 15.98
CA ARG A 869 13.62 1.65 17.28
C ARG A 869 13.44 2.71 18.33
N LEU A 870 12.29 2.68 18.99
CA LEU A 870 11.83 3.79 19.82
C LEU A 870 11.43 3.30 21.21
N ALA A 871 12.10 3.81 22.24
CA ALA A 871 11.89 3.30 23.58
C ALA A 871 10.64 3.84 24.28
N SER A 872 10.08 4.92 23.76
CA SER A 872 8.94 5.58 24.38
C SER A 872 7.64 5.50 23.57
N ASP A 873 6.51 5.56 24.26
CA ASP A 873 5.18 5.71 23.66
C ASP A 873 4.99 7.17 23.24
N ASP A 874 4.20 7.39 22.17
CA ASP A 874 4.03 8.74 21.60
C ASP A 874 2.58 9.27 21.82
N GLU A 875 1.94 8.73 22.86
CA GLU A 875 0.71 9.32 23.40
C GLU A 875 -0.47 9.32 22.41
N ARG A 876 -0.57 8.28 21.60
CA ARG A 876 -1.69 8.10 20.67
C ARG A 876 -2.50 6.85 20.99
N GLY A 877 -2.32 6.26 22.19
CA GLY A 877 -3.13 5.11 22.61
C GLY A 877 -2.46 3.76 22.46
N LEU A 878 -1.36 3.70 21.73
CA LEU A 878 -0.68 2.41 21.54
C LEU A 878 -0.09 1.81 22.86
N GLY A 879 0.38 2.70 23.73
CA GLY A 879 0.87 2.30 25.03
C GLY A 879 2.18 1.50 24.98
N GLN A 880 3.02 1.73 23.98
CA GLN A 880 4.33 1.11 23.88
C GLN A 880 5.14 1.84 22.82
N GLY A 881 6.46 1.73 22.87
CA GLY A 881 7.29 2.18 21.78
C GLY A 881 7.44 1.09 20.75
N VAL A 882 8.52 1.17 19.97
CA VAL A 882 8.72 0.19 18.91
C VAL A 882 10.05 -0.47 19.30
N LEU A 883 9.98 -1.60 20.02
CA LEU A 883 11.21 -2.32 20.43
C LEU A 883 11.22 -3.79 20.01
N ASP A 884 10.52 -4.10 18.94
CA ASP A 884 10.38 -5.48 18.39
C ASP A 884 10.95 -5.65 17.00
N ASN A 885 11.89 -4.77 16.63
CA ASN A 885 12.54 -4.91 15.36
C ASN A 885 13.14 -6.29 15.12
N LYS A 886 13.27 -6.62 13.82
CA LYS A 886 13.88 -7.89 13.38
C LYS A 886 14.47 -7.61 12.05
N PRO A 887 15.51 -8.39 11.69
CA PRO A 887 16.17 -8.18 10.42
C PRO A 887 15.26 -8.19 9.22
N VAL A 888 15.45 -7.21 8.36
CA VAL A 888 14.64 -7.09 7.18
C VAL A 888 15.53 -6.83 5.98
N LEU A 889 15.21 -7.44 4.86
CA LEU A 889 15.96 -7.16 3.67
C LEU A 889 15.16 -6.18 2.76
N HIS A 890 15.61 -4.93 2.75
CA HIS A 890 15.05 -3.93 1.84
C HIS A 890 15.66 -3.94 0.46
N ILE A 891 14.84 -3.78 -0.58
CA ILE A 891 15.35 -3.81 -1.97
C ILE A 891 14.99 -2.57 -2.73
N TYR A 892 15.86 -2.18 -3.66
CA TYR A 892 15.66 -0.98 -4.46
C TYR A 892 16.26 -1.12 -5.85
N ARG A 893 15.84 -0.24 -6.74
CA ARG A 893 16.61 0.01 -7.97
C ARG A 893 16.96 1.49 -8.01
N LEU A 894 18.15 1.77 -8.56
CA LEU A 894 18.62 3.18 -8.61
C LEU A 894 18.91 3.54 -10.08
N VAL A 895 18.14 4.50 -10.62
CA VAL A 895 18.11 4.82 -12.03
C VAL A 895 18.56 6.30 -12.19
N LEU A 896 19.77 6.45 -12.71
CA LEU A 896 20.31 7.76 -13.11
C LEU A 896 20.05 7.92 -14.60
N GLU A 897 19.45 9.04 -15.00
CA GLU A 897 19.05 9.23 -16.42
C GLU A 897 19.27 10.67 -16.89
N LYS A 898 19.50 10.77 -18.16
CA LYS A 898 19.43 12.07 -18.80
C LYS A 898 18.00 12.29 -19.30
N VAL A 899 17.53 13.48 -18.95
CA VAL A 899 16.13 13.81 -19.18
C VAL A 899 15.89 15.13 -19.98
N ASN A 900 16.95 15.76 -20.46
CA ASN A 900 16.78 17.05 -21.17
C ASN A 900 15.96 16.88 -22.47
N ASN A 901 15.98 15.68 -23.04
CA ASN A 901 15.11 15.42 -24.20
C ASN A 901 13.67 14.98 -23.97
N CYS A 902 13.34 14.69 -22.71
CA CYS A 902 12.03 14.22 -22.37
C CYS A 902 11.00 15.33 -22.37
N VAL A 903 9.82 14.99 -22.86
CA VAL A 903 8.68 15.92 -22.83
C VAL A 903 8.02 15.84 -21.44
N ARG A 904 8.27 16.84 -20.61
CA ARG A 904 7.82 16.87 -19.23
C ARG A 904 6.65 17.82 -19.07
N PRO A 905 5.90 17.65 -17.97
CA PRO A 905 4.89 18.65 -17.67
C PRO A 905 5.55 19.98 -17.43
N SER A 906 4.74 21.03 -17.55
CA SER A 906 5.22 22.37 -17.27
C SER A 906 5.42 22.60 -15.79
N LYS A 907 6.05 23.70 -15.46
CA LYS A 907 6.43 23.98 -14.06
C LYS A 907 5.25 24.03 -13.13
N LEU A 908 4.09 24.45 -13.64
CA LEU A 908 2.90 24.54 -12.80
C LEU A 908 2.10 23.20 -12.67
N HIS A 909 2.50 22.18 -13.40
CA HIS A 909 1.77 20.92 -13.35
C HIS A 909 2.08 20.16 -12.04
N PRO A 910 1.09 19.59 -11.39
CA PRO A 910 1.35 18.97 -10.07
C PRO A 910 1.82 17.51 -10.12
N ALA A 911 1.91 16.93 -11.30
CA ALA A 911 2.33 15.53 -11.42
C ALA A 911 3.74 15.35 -12.02
N GLY A 912 4.31 14.16 -11.86
CA GLY A 912 5.48 13.79 -12.62
C GLY A 912 5.22 12.41 -13.12
N TYR A 913 6.08 11.94 -14.05
CA TYR A 913 5.93 10.61 -14.64
C TYR A 913 7.29 9.92 -14.74
N LEU A 914 7.29 8.61 -14.57
CA LEU A 914 8.51 7.81 -14.79
C LEU A 914 8.88 7.64 -16.24
N THR A 915 10.16 7.30 -16.47
CA THR A 915 10.60 6.89 -17.77
C THR A 915 10.34 5.40 -17.90
N SER A 916 10.48 4.88 -19.11
CA SER A 916 10.39 3.46 -19.35
C SER A 916 11.36 2.67 -18.48
N ALA A 917 12.63 3.11 -18.39
CA ALA A 917 13.60 2.33 -17.56
C ALA A 917 13.20 2.28 -16.07
N ALA A 918 12.68 3.39 -15.55
CA ALA A 918 12.34 3.48 -14.14
C ALA A 918 11.07 2.64 -13.87
N HIS A 919 10.10 2.74 -14.76
CA HIS A 919 8.91 1.86 -14.64
C HIS A 919 9.30 0.35 -14.69
N LYS A 920 10.12 -0.08 -15.65
CA LYS A 920 10.51 -1.48 -15.66
C LYS A 920 11.28 -1.86 -14.38
N ALA A 921 12.10 -0.95 -13.85
CA ALA A 921 12.89 -1.25 -12.64
C ALA A 921 11.90 -1.44 -11.48
N SER A 922 10.86 -0.57 -11.42
CA SER A 922 9.83 -0.77 -10.37
C SER A 922 9.16 -2.16 -10.50
N GLN A 923 8.80 -2.52 -11.72
CA GLN A 923 8.17 -3.83 -11.99
C GLN A 923 9.06 -5.04 -11.56
N SER A 924 10.38 -4.90 -11.74
CA SER A 924 11.33 -5.95 -11.33
C SER A 924 11.36 -6.17 -9.81
N LEU A 925 11.04 -5.12 -9.03
CA LEU A 925 10.99 -5.19 -7.59
C LEU A 925 9.64 -5.71 -7.09
N LEU A 926 8.54 -5.20 -7.65
CA LEU A 926 7.21 -5.58 -7.20
C LEU A 926 6.70 -6.89 -7.78
N ASP A 927 7.00 -7.18 -9.02
CA ASP A 927 6.48 -8.37 -9.67
C ASP A 927 7.60 -9.11 -10.46
N PRO A 928 8.58 -9.65 -9.75
CA PRO A 928 9.68 -10.39 -10.37
C PRO A 928 9.17 -11.69 -10.98
N LEU A 929 9.99 -12.35 -11.80
CA LEU A 929 9.66 -13.74 -12.14
C LEU A 929 9.56 -14.59 -10.89
N ASP A 930 8.61 -15.53 -10.91
CA ASP A 930 8.50 -16.53 -9.86
C ASP A 930 9.32 -17.76 -10.23
N LYS A 931 9.98 -18.36 -9.25
CA LYS A 931 10.82 -19.56 -9.54
C LYS A 931 10.29 -20.79 -8.83
N PHE A 932 10.16 -21.89 -9.56
CA PHE A 932 9.71 -23.15 -8.99
C PHE A 932 10.78 -24.26 -9.23
N ILE A 933 11.04 -25.07 -8.21
CA ILE A 933 12.00 -26.18 -8.37
C ILE A 933 11.19 -27.46 -8.34
N PHE A 934 11.29 -28.32 -9.39
CA PHE A 934 10.57 -29.59 -9.34
C PHE A 934 10.97 -30.48 -8.13
N ALA A 935 9.99 -30.99 -7.38
CA ALA A 935 10.34 -31.55 -6.10
C ALA A 935 10.79 -33.03 -6.07
N GLU A 936 10.41 -33.83 -7.07
CA GLU A 936 10.80 -35.23 -7.08
C GLU A 936 11.84 -35.46 -8.19
N ASN A 937 12.20 -36.73 -8.43
CA ASN A 937 13.40 -36.94 -9.24
C ASN A 937 13.09 -36.76 -10.67
N GLU A 938 11.90 -37.23 -11.06
CA GLU A 938 11.53 -37.16 -12.46
C GLU A 938 10.13 -36.63 -12.69
N TRP A 939 10.04 -35.69 -13.63
CA TRP A 939 8.78 -35.05 -14.03
C TRP A 939 8.35 -35.62 -15.37
N ILE A 940 7.51 -36.65 -15.36
CA ILE A 940 7.07 -37.27 -16.64
C ILE A 940 6.04 -36.33 -17.32
N GLY A 941 6.20 -36.11 -18.63
CA GLY A 941 5.19 -35.39 -19.38
C GLY A 941 5.45 -33.89 -19.37
N ALA A 942 6.63 -33.51 -18.84
CA ALA A 942 7.02 -32.09 -18.78
C ALA A 942 7.03 -31.35 -20.14
N GLN A 943 6.58 -30.10 -20.12
CA GLN A 943 6.58 -29.23 -21.27
C GLN A 943 7.47 -28.03 -21.08
N GLY A 944 7.92 -27.47 -22.19
CA GLY A 944 8.89 -26.38 -22.15
C GLY A 944 8.36 -24.99 -21.84
N GLN A 945 7.10 -24.75 -22.15
CA GLN A 945 6.63 -23.35 -22.11
C GLN A 945 5.10 -23.30 -22.06
N PHE A 946 4.56 -22.23 -21.51
CA PHE A 946 3.12 -21.99 -21.59
C PHE A 946 2.97 -20.53 -21.89
N GLY A 947 2.05 -20.15 -22.82
CA GLY A 947 1.75 -18.74 -22.98
C GLY A 947 2.53 -18.12 -24.12
N GLY A 948 3.18 -18.98 -24.91
CA GLY A 948 3.95 -18.49 -26.08
C GLY A 948 3.08 -17.71 -27.06
N ASP A 949 1.79 -17.97 -27.12
CA ASP A 949 0.92 -17.27 -28.03
C ASP A 949 0.11 -16.15 -27.35
N HIS A 950 0.43 -15.84 -26.07
CA HIS A 950 -0.18 -14.65 -25.41
C HIS A 950 0.36 -13.36 -26.01
N PRO A 951 -0.52 -12.33 -26.26
CA PRO A 951 -0.07 -11.04 -26.84
C PRO A 951 0.89 -10.39 -25.90
N SER A 952 1.92 -9.77 -26.47
CA SER A 952 2.90 -9.03 -25.72
C SER A 952 2.54 -7.54 -25.82
N ALA A 953 1.89 -7.06 -24.78
CA ALA A 953 1.31 -5.75 -24.73
C ALA A 953 2.30 -4.62 -24.55
N ARG A 954 1.87 -3.42 -24.94
CA ARG A 954 2.70 -2.26 -24.81
CA ARG A 954 2.71 -2.24 -24.80
C ARG A 954 3.23 -2.10 -23.39
N GLU A 955 4.48 -1.65 -23.23
CA GLU A 955 5.14 -1.68 -21.93
C GLU A 955 4.41 -0.92 -20.83
N ASP A 956 3.60 0.07 -21.20
CA ASP A 956 2.88 0.87 -20.16
C ASP A 956 1.57 0.21 -19.70
N LEU A 957 1.15 -0.85 -20.38
CA LEU A 957 -0.04 -1.59 -19.98
C LEU A 957 0.24 -2.76 -19.06
N ASP A 958 -0.56 -2.92 -17.99
CA ASP A 958 -0.46 -4.15 -17.17
C ASP A 958 -1.85 -4.82 -16.98
N VAL A 959 -1.85 -6.14 -16.81
CA VAL A 959 -3.00 -6.88 -16.33
C VAL A 959 -2.80 -7.01 -14.82
N SER A 960 -3.34 -6.04 -14.10
CA SER A 960 -3.12 -5.90 -12.67
C SER A 960 -3.73 -7.07 -11.89
N VAL A 961 -4.84 -7.55 -12.42
CA VAL A 961 -5.56 -8.64 -11.83
C VAL A 961 -6.13 -9.49 -12.94
N MET A 962 -5.98 -10.80 -12.78
CA MET A 962 -6.71 -11.79 -13.53
C MET A 962 -7.31 -12.73 -12.48
N ARG A 963 -8.63 -12.84 -12.42
CA ARG A 963 -9.28 -13.66 -11.44
C ARG A 963 -10.47 -14.41 -12.05
N ARG A 964 -10.43 -15.74 -12.01
CA ARG A 964 -11.66 -16.53 -12.35
C ARG A 964 -12.75 -16.28 -11.32
N LEU A 965 -13.95 -15.93 -11.77
CA LEU A 965 -15.02 -15.49 -10.85
C LEU A 965 -16.12 -16.52 -10.52
N THR A 966 -16.06 -17.65 -11.21
CA THR A 966 -16.99 -18.79 -11.08
C THR A 966 -16.31 -20.05 -10.65
N LYS A 967 -17.05 -20.86 -9.91
CA LYS A 967 -16.66 -22.21 -9.52
C LYS A 967 -16.91 -23.18 -10.69
N SER A 968 -16.44 -24.41 -10.59
CA SER A 968 -16.46 -25.28 -11.76
C SER A 968 -17.86 -25.72 -12.18
N SER A 969 -18.80 -25.72 -11.25
CA SER A 969 -20.15 -26.16 -11.59
C SER A 969 -20.94 -25.15 -12.45
N ALA A 970 -20.45 -23.92 -12.56
CA ALA A 970 -21.11 -22.92 -13.38
C ALA A 970 -21.07 -23.22 -14.87
N LYS A 971 -22.23 -23.29 -15.51
CA LYS A 971 -22.33 -23.45 -16.95
C LYS A 971 -21.60 -22.37 -17.76
N THR A 972 -21.82 -21.12 -17.38
CA THR A 972 -21.13 -20.00 -18.01
C THR A 972 -19.98 -19.61 -17.07
N GLN A 973 -18.76 -19.84 -17.52
CA GLN A 973 -17.55 -19.43 -16.71
C GLN A 973 -17.32 -17.94 -16.93
N ARG A 974 -16.88 -17.25 -15.87
CA ARG A 974 -16.56 -15.84 -16.01
C ARG A 974 -15.17 -15.56 -15.43
N VAL A 975 -14.38 -14.74 -16.16
CA VAL A 975 -13.02 -14.37 -15.72
C VAL A 975 -12.92 -12.85 -15.78
N GLY A 976 -12.50 -12.28 -14.64
CA GLY A 976 -12.34 -10.84 -14.48
C GLY A 976 -10.89 -10.42 -14.68
N TYR A 977 -10.73 -9.28 -15.33
CA TYR A 977 -9.40 -8.71 -15.54
C TYR A 977 -9.48 -7.23 -15.14
N VAL A 978 -8.45 -6.74 -14.45
CA VAL A 978 -8.25 -5.32 -14.26
C VAL A 978 -7.04 -4.90 -15.05
N LEU A 979 -7.27 -3.94 -15.97
CA LEU A 979 -6.24 -3.40 -16.87
C LEU A 979 -5.85 -2.02 -16.45
N HIS A 980 -4.56 -1.80 -16.26
CA HIS A 980 -4.10 -0.50 -15.86
C HIS A 980 -3.02 -0.04 -16.88
N ARG A 981 -3.10 1.20 -17.33
CA ARG A 981 -2.06 1.75 -18.20
CA ARG A 981 -2.05 1.74 -18.20
C ARG A 981 -1.48 2.95 -17.48
N THR A 982 -0.17 2.98 -17.27
CA THR A 982 0.50 4.10 -16.60
C THR A 982 0.80 5.12 -17.67
N ASN A 983 1.57 6.15 -17.35
CA ASN A 983 1.96 7.05 -18.38
C ASN A 983 3.44 7.23 -18.27
N LEU A 984 4.13 6.92 -19.35
CA LEU A 984 5.62 7.03 -19.37
C LEU A 984 6.07 8.24 -20.17
N MET A 985 7.14 8.89 -19.70
N MET A 985 7.16 8.86 -19.71
CA MET A 985 7.70 10.05 -20.44
CA MET A 985 7.75 10.04 -20.41
C MET A 985 8.20 9.67 -21.81
C MET A 985 8.23 9.69 -21.81
N GLN A 986 7.92 10.56 -22.77
CA GLN A 986 8.42 10.42 -24.13
C GLN A 986 9.79 11.12 -24.12
N CYS A 987 10.87 10.35 -24.34
CA CYS A 987 12.23 10.92 -24.37
C CYS A 987 12.92 10.62 -25.70
N GLY A 988 12.15 10.23 -26.70
CA GLY A 988 12.66 10.05 -28.06
C GLY A 988 13.19 8.68 -28.40
N THR A 989 12.78 7.67 -27.65
CA THR A 989 13.08 6.32 -28.06
C THR A 989 11.92 5.90 -28.93
N PRO A 990 12.21 5.61 -30.19
CA PRO A 990 11.13 5.19 -31.12
C PRO A 990 10.35 3.99 -30.52
N GLU A 991 11.08 3.03 -29.94
CA GLU A 991 10.54 1.99 -29.02
C GLU A 991 9.20 1.22 -29.42
N GLU A 992 8.82 1.22 -30.70
CA GLU A 992 7.45 0.85 -31.10
C GLU A 992 7.03 -0.64 -31.29
N HIS A 993 6.24 -0.90 -32.32
CA HIS A 993 5.60 -2.21 -32.62
C HIS A 993 5.20 -3.11 -31.46
N THR A 994 3.92 -3.11 -31.05
CA THR A 994 3.48 -4.16 -30.12
C THR A 994 2.10 -4.66 -30.49
N GLN A 995 1.72 -5.78 -29.86
CA GLN A 995 0.41 -6.34 -30.12
C GLN A 995 -0.68 -5.78 -29.20
N LYS A 996 -1.84 -5.52 -29.81
CA LYS A 996 -3.06 -5.21 -29.06
C LYS A 996 -3.40 -6.40 -28.14
N LEU A 997 -3.68 -6.10 -26.87
CA LEU A 997 -4.08 -7.11 -25.90
C LEU A 997 -5.59 -6.95 -25.74
N ASP A 998 -6.33 -7.99 -26.11
CA ASP A 998 -7.75 -8.13 -25.81
C ASP A 998 -7.96 -9.25 -24.76
N VAL A 999 -8.13 -8.81 -23.51
CA VAL A 999 -8.30 -9.79 -22.43
C VAL A 999 -9.44 -10.78 -22.59
N CYS A 1000 -10.54 -10.34 -23.23
CA CYS A 1000 -11.72 -11.18 -23.53
C CYS A 1000 -11.48 -12.41 -24.40
N HIS A 1001 -10.42 -12.37 -25.19
CA HIS A 1001 -10.05 -13.52 -26.00
C HIS A 1001 -8.83 -14.31 -25.44
N LEU A 1002 -8.41 -14.02 -24.21
CA LEU A 1002 -7.38 -14.87 -23.54
C LEU A 1002 -7.81 -16.29 -23.29
N LEU A 1003 -9.07 -16.53 -22.92
CA LEU A 1003 -9.57 -17.88 -22.79
C LEU A 1003 -10.49 -18.19 -23.99
N PRO A 1004 -10.55 -19.49 -24.35
CA PRO A 1004 -11.34 -19.85 -25.51
C PRO A 1004 -12.87 -19.90 -25.24
N ASN A 1005 -13.62 -20.09 -26.33
CA ASN A 1005 -15.08 -20.14 -26.28
C ASN A 1005 -15.73 -18.91 -25.63
N VAL A 1006 -15.24 -17.71 -25.89
CA VAL A 1006 -15.86 -16.53 -25.29
C VAL A 1006 -17.25 -16.34 -25.91
N ALA A 1007 -18.22 -15.99 -25.09
CA ALA A 1007 -19.63 -15.79 -25.45
C ALA A 1007 -20.10 -14.35 -25.19
N ARG A 1008 -19.39 -13.65 -24.29
CA ARG A 1008 -19.71 -12.26 -24.01
C ARG A 1008 -18.46 -11.61 -23.43
N CYS A 1009 -18.34 -10.31 -23.66
CA CYS A 1009 -17.32 -9.47 -23.02
C CYS A 1009 -17.98 -8.19 -22.53
N GLU A 1010 -17.85 -7.91 -21.21
CA GLU A 1010 -18.45 -6.75 -20.58
C GLU A 1010 -17.39 -5.89 -19.90
N ARG A 1011 -17.53 -4.59 -20.04
CA ARG A 1011 -16.79 -3.68 -19.11
C ARG A 1011 -17.57 -3.57 -17.83
N THR A 1012 -16.86 -3.63 -16.70
CA THR A 1012 -17.44 -3.62 -15.38
C THR A 1012 -16.81 -2.55 -14.47
N THR A 1013 -17.46 -2.28 -13.32
CA THR A 1013 -16.73 -1.60 -12.25
C THR A 1013 -15.49 -2.41 -11.83
N LEU A 1014 -14.52 -1.74 -11.16
CA LEU A 1014 -13.26 -2.46 -10.84
C LEU A 1014 -13.40 -3.61 -9.87
N THR A 1015 -14.55 -3.73 -9.17
CA THR A 1015 -14.79 -4.79 -8.20
C THR A 1015 -15.48 -5.93 -8.95
N PHE A 1016 -15.77 -5.71 -10.25
CA PHE A 1016 -16.48 -6.67 -11.15
C PHE A 1016 -17.98 -6.85 -10.78
N LEU A 1017 -18.55 -5.98 -9.94
CA LEU A 1017 -19.90 -6.23 -9.41
C LEU A 1017 -21.01 -5.63 -10.25
N GLN A 1018 -20.72 -4.71 -11.15
CA GLN A 1018 -21.76 -4.15 -11.99
C GLN A 1018 -21.25 -4.09 -13.46
N ASN A 1019 -22.12 -4.48 -14.42
CA ASN A 1019 -21.79 -4.34 -15.84
C ASN A 1019 -22.08 -2.94 -16.34
N LEU A 1020 -21.13 -2.34 -17.06
CA LEU A 1020 -21.23 -0.95 -17.46
C LEU A 1020 -21.43 -0.88 -18.97
N GLU A 1021 -20.90 -1.87 -19.71
CA GLU A 1021 -20.97 -1.87 -21.18
C GLU A 1021 -20.88 -3.25 -21.77
N HIS A 1022 -21.81 -3.57 -22.69
CA HIS A 1022 -21.78 -4.87 -23.39
C HIS A 1022 -20.94 -4.66 -24.62
N LEU A 1023 -19.86 -5.40 -24.82
CA LEU A 1023 -18.83 -4.95 -25.77
C LEU A 1023 -18.89 -5.57 -27.17
N ASP A 1024 -18.89 -4.74 -28.20
CA ASP A 1024 -18.99 -5.27 -29.59
C ASP A 1024 -17.88 -6.20 -30.01
N GLY A 1025 -18.25 -7.33 -30.62
CA GLY A 1025 -17.27 -8.31 -31.08
C GLY A 1025 -16.60 -9.07 -29.94
N MET A 1026 -17.16 -8.97 -28.72
CA MET A 1026 -16.56 -9.54 -27.50
C MET A 1026 -15.09 -9.10 -27.38
N VAL A 1027 -14.83 -7.85 -27.73
CA VAL A 1027 -13.48 -7.28 -27.66
C VAL A 1027 -13.33 -6.24 -26.54
N ALA A 1028 -12.38 -6.44 -25.64
CA ALA A 1028 -12.03 -5.47 -24.59
C ALA A 1028 -11.07 -4.50 -25.16
N PRO A 1029 -11.46 -3.21 -25.32
CA PRO A 1029 -10.51 -2.18 -25.78
C PRO A 1029 -9.39 -1.98 -24.72
N GLU A 1030 -8.20 -1.54 -25.11
CA GLU A 1030 -7.25 -1.07 -24.12
C GLU A 1030 -7.71 0.30 -23.53
N VAL A 1031 -7.05 0.69 -22.45
CA VAL A 1031 -7.37 1.90 -21.74
C VAL A 1031 -6.35 2.99 -22.02
N CYS A 1032 -6.68 4.22 -21.62
CA CYS A 1032 -5.88 5.39 -21.87
C CYS A 1032 -4.81 5.50 -20.81
N PRO A 1033 -3.75 6.27 -21.09
CA PRO A 1033 -2.72 6.48 -20.05
C PRO A 1033 -3.38 6.99 -18.74
N MET A 1034 -2.96 6.39 -17.61
CA MET A 1034 -3.43 6.73 -16.27
C MET A 1034 -4.82 6.23 -16.00
N GLU A 1035 -5.39 5.46 -16.93
CA GLU A 1035 -6.74 4.91 -16.67
C GLU A 1035 -6.67 3.47 -16.27
N THR A 1036 -7.70 3.00 -15.56
CA THR A 1036 -7.76 1.60 -15.13
C THR A 1036 -9.22 1.19 -15.49
N ALA A 1037 -9.39 0.05 -16.16
CA ALA A 1037 -10.70 -0.50 -16.56
C ALA A 1037 -10.77 -1.96 -16.05
N ALA A 1038 -11.98 -2.49 -15.90
CA ALA A 1038 -12.16 -3.87 -15.61
C ALA A 1038 -13.04 -4.51 -16.70
N TYR A 1039 -12.74 -5.75 -17.04
CA TYR A 1039 -13.59 -6.46 -18.01
C TYR A 1039 -13.86 -7.84 -17.45
N VAL A 1040 -15.00 -8.41 -17.85
CA VAL A 1040 -15.31 -9.78 -17.50
C VAL A 1040 -15.66 -10.53 -18.78
N SER A 1041 -14.94 -11.62 -19.05
CA SER A 1041 -15.26 -12.44 -20.22
C SER A 1041 -16.07 -13.64 -19.75
N SER A 1042 -17.08 -14.00 -20.55
CA SER A 1042 -18.01 -15.10 -20.20
C SER A 1042 -17.75 -16.24 -21.21
N HIS A 1043 -17.72 -17.49 -20.74
CA HIS A 1043 -17.33 -18.62 -21.62
C HIS A 1043 -18.27 -19.80 -21.42
N SER A 1044 -18.79 -20.34 -22.52
CA SER A 1044 -19.64 -21.54 -22.43
C SER A 1044 -18.73 -22.73 -22.06
N SER A 1045 -19.15 -23.52 -21.07
CA SER A 1045 -18.30 -24.63 -20.49
C SER A 1045 -19.07 -25.91 -20.18
C1 NAG B . -31.62 -7.14 -4.49
C2 NAG B . -33.00 -7.80 -4.35
C3 NAG B . -34.07 -7.33 -5.34
C4 NAG B . -34.07 -5.81 -5.54
C5 NAG B . -32.62 -5.38 -5.74
C6 NAG B . -32.43 -3.91 -6.02
C7 NAG B . -33.45 -9.86 -3.31
C8 NAG B . -33.00 -11.30 -3.07
N2 NAG B . -32.91 -9.25 -4.36
O3 NAG B . -35.33 -7.76 -4.86
O4 NAG B . -34.88 -5.44 -6.64
O5 NAG B . -31.84 -5.74 -4.62
O6 NAG B . -31.71 -3.88 -7.24
O7 NAG B . -34.28 -9.28 -2.56
ZN ZN C . -8.78 3.14 13.79
C1 OEV D . -7.60 4.84 17.68
N1 OEV D . -8.80 5.55 18.04
C2 OEV D . -7.77 4.33 16.22
O2 OEV D . -8.91 3.57 16.10
C3 OEV D . -6.53 3.60 15.83
O3 OEV D . -6.58 2.91 14.63
C4 OEV D . -5.33 4.56 15.78
O4 OEV D . -4.13 3.89 15.62
C5 OEV D . -5.30 5.57 16.95
C6 OEV D . -4.09 6.46 17.09
O6 OEV D . -4.32 7.57 17.87
C7 OEV D . -6.36 5.69 17.80
C8 OEV D . -8.70 6.24 19.31
C9 OEV D . -8.28 5.31 20.42
C10 OEV D . -8.73 5.76 21.82
C11 OEV D . -7.94 6.91 22.42
C12 OEV D . -6.83 7.42 21.57
C13 OEV D . -5.85 8.40 22.26
C14 OEV D . -6.16 9.83 21.91
C15 OEV D . -5.04 10.56 21.19
C1 MPD E . -5.56 21.36 21.09
C2 MPD E . -6.35 20.08 20.91
O2 MPD E . -6.45 19.95 19.45
CM MPD E . -5.51 18.89 21.42
C3 MPD E . -7.70 20.34 21.63
C4 MPD E . -8.80 19.26 21.47
O4 MPD E . -10.17 19.75 21.61
C5 MPD E . -8.49 18.00 22.34
#